data_6S6D
#
_entry.id   6S6D
#
_cell.length_a   71.504
_cell.length_b   81.439
_cell.length_c   246.033
_cell.angle_alpha   90.000
_cell.angle_beta   90.000
_cell.angle_gamma   90.000
#
_symmetry.space_group_name_H-M   'P 21 21 21'
#
loop_
_entity.id
_entity.type
_entity.pdbx_description
1 polymer 'Ras-related GTP-binding protein A'
2 polymer 'Ras-related GTP-binding protein C'
3 non-polymer "GUANOSINE-5'-TRIPHOSPHATE"
4 non-polymer 'MAGNESIUM ION'
5 non-polymer "GUANOSINE-5'-DIPHOSPHATE"
6 non-polymer pentane-1,5-diol
7 water water
#
loop_
_entity_poly.entity_id
_entity_poly.type
_entity_poly.pdbx_seq_one_letter_code
_entity_poly.pdbx_strand_id
1 'polypeptide(L)'
;MPNTAMKKKVLLMGKSGSGKTSMRSIIFANYIARDTRRLGATIDVEHSHVRFLGNLVLNLWDCGGLDTFMENYFTSQRDN
IFRNVEVLIYVFDVESRELEKDMHYYQSCLEAILQNSPDAKIFCLVHKMDLVQEDQRDLIFKEREEDLRRLSRPLECACF
RTSIWDETLYKAWSSIVYQLIPNVQQLEMNLRNFAQIIEADEVLLFERATFLVISHYQCKEQRDVHRFEKISNIIKQFKL
SCSKLAASFQSMEVRNSNFAAFIDIFTSNTYVMVVMSDPSIPSAATLINIRNARKHFEKLERVDGPKHSLLMR
;
A,B
2 'polypeptide(L)'
;MSLQYGAEETPLAGSYGAADSFPKDFGYGVEEEEEEAAAAGGGVGAGAGGGCGPGGADSSKPRILLMGLRRSGKNSIQKV
VFHKMSPNETLFLESTNKIYKDDISNSSFVNFQIWDFPGQMDFFDPTFDYEMIFRGTGALIYVIDAQDDYMEALTRLHIT
VSKAYKVNPDMNFEVFIHKVDGLSDDHKIETQRDIHQRANDDLADAGLEKLHLSFYLTSIYDHSIFEAFSKVVQKLIPQL
PTLENLLNIFISNSGIEKAFLFDVVSKIYIATDSSPVDMQSYELCCDMIDVVIDVSCIYGLKEDGSGSAYDKESMAIIKL
NNTTVLYLKEVTKFLALVCILREESFERKGLIDYNFHCFRKAIHEVFEVGVTSHRSCGHQTSASSLKALTHNGTPRNAI
;
C,D
#
# COMPACT_ATOMS: atom_id res chain seq x y z
N THR A 4 17.81 26.91 -40.74
CA THR A 4 19.29 26.83 -40.51
C THR A 4 19.63 25.58 -39.68
N ALA A 5 18.77 24.55 -39.69
CA ALA A 5 19.06 23.20 -39.17
C ALA A 5 19.79 22.39 -40.26
N MET A 6 20.84 21.66 -39.89
CA MET A 6 21.56 20.74 -40.81
C MET A 6 20.55 19.77 -41.48
N LYS A 7 20.32 19.90 -42.79
CA LYS A 7 19.55 18.95 -43.64
C LYS A 7 20.52 17.85 -44.11
N LYS A 8 20.16 16.58 -43.93
CA LYS A 8 21.08 15.43 -44.19
C LYS A 8 20.33 14.33 -44.96
N LYS A 9 20.87 13.94 -46.11
CA LYS A 9 20.25 13.03 -47.09
C LYS A 9 20.62 11.60 -46.76
N VAL A 10 19.61 10.77 -46.54
CA VAL A 10 19.71 9.32 -46.21
C VAL A 10 19.01 8.57 -47.34
N LEU A 11 19.79 7.81 -48.11
CA LEU A 11 19.34 6.76 -49.06
C LEU A 11 19.06 5.48 -48.25
N LEU A 12 17.82 5.02 -48.32
CA LEU A 12 17.36 3.71 -47.85
C LEU A 12 17.05 2.88 -49.09
N MET A 13 17.88 1.87 -49.34
CA MET A 13 17.88 1.14 -50.63
C MET A 13 18.09 -0.34 -50.36
N GLY A 14 17.61 -1.18 -51.28
CA GLY A 14 17.63 -2.66 -51.25
C GLY A 14 16.51 -3.17 -52.11
N LYS A 15 16.48 -4.47 -52.39
CA LYS A 15 15.44 -5.05 -53.30
C LYS A 15 14.05 -5.00 -52.66
N SER A 16 13.01 -5.07 -53.51
CA SER A 16 11.56 -5.09 -53.18
C SER A 16 11.29 -6.15 -52.11
N GLY A 17 10.58 -5.80 -51.05
CA GLY A 17 10.18 -6.78 -50.01
C GLY A 17 11.27 -7.01 -48.95
N SER A 18 12.45 -6.39 -49.07
CA SER A 18 13.54 -6.55 -48.08
C SER A 18 13.17 -5.92 -46.73
N GLY A 19 12.35 -4.85 -46.73
CA GLY A 19 11.68 -4.37 -45.50
C GLY A 19 12.09 -2.96 -45.17
N LYS A 20 12.44 -2.19 -46.19
CA LYS A 20 12.85 -0.79 -46.00
C LYS A 20 11.70 0.03 -45.41
N THR A 21 10.56 0.12 -46.09
CA THR A 21 9.43 0.97 -45.66
C THR A 21 8.92 0.51 -44.28
N SER A 22 9.03 -0.78 -43.97
CA SER A 22 8.61 -1.35 -42.67
C SER A 22 9.45 -0.71 -41.56
N MET A 23 10.78 -0.68 -41.73
CA MET A 23 11.78 -0.10 -40.81
C MET A 23 11.47 1.36 -40.56
N ARG A 24 11.33 2.11 -41.64
CA ARG A 24 11.08 3.56 -41.60
C ARG A 24 9.76 3.78 -40.85
N SER A 25 8.79 2.91 -41.08
CA SER A 25 7.42 3.10 -40.54
C SER A 25 7.43 2.84 -39.03
N ILE A 26 8.19 1.85 -38.57
CA ILE A 26 8.34 1.52 -37.13
C ILE A 26 9.17 2.59 -36.40
N ILE A 27 10.26 3.06 -36.99
CA ILE A 27 11.16 4.01 -36.28
C ILE A 27 10.55 5.43 -36.23
N PHE A 28 10.06 5.94 -37.37
CA PHE A 28 9.68 7.35 -37.55
C PHE A 28 8.15 7.55 -37.57
N ALA A 29 7.30 6.53 -37.53
CA ALA A 29 5.86 6.71 -37.81
C ALA A 29 4.97 5.86 -36.91
N ASN A 30 5.49 5.31 -35.82
CA ASN A 30 4.64 4.72 -34.76
C ASN A 30 3.91 3.48 -35.27
N TYR A 31 4.38 2.78 -36.30
CA TYR A 31 3.83 1.43 -36.61
C TYR A 31 4.37 0.43 -35.61
N ILE A 32 3.62 -0.64 -35.44
CA ILE A 32 4.05 -1.93 -34.82
C ILE A 32 4.31 -2.96 -35.96
N ALA A 33 5.13 -3.95 -35.70
CA ALA A 33 5.62 -4.95 -36.67
C ALA A 33 4.44 -5.54 -37.47
N ARG A 34 3.43 -6.03 -36.77
CA ARG A 34 2.17 -6.59 -37.34
C ARG A 34 1.59 -5.66 -38.41
N ASP A 35 1.54 -4.35 -38.19
CA ASP A 35 0.93 -3.37 -39.13
C ASP A 35 1.72 -3.32 -40.46
N THR A 36 3.01 -3.66 -40.46
CA THR A 36 3.89 -3.51 -41.64
C THR A 36 3.50 -4.51 -42.72
N ARG A 37 2.76 -5.57 -42.35
CA ARG A 37 2.13 -6.54 -43.29
C ARG A 37 1.31 -5.80 -44.36
N ARG A 38 0.78 -4.61 -44.04
CA ARG A 38 -0.24 -3.97 -44.89
C ARG A 38 0.41 -2.92 -45.78
N LEU A 39 1.73 -2.70 -45.69
CA LEU A 39 2.40 -1.66 -46.51
C LEU A 39 2.41 -2.09 -47.98
N GLY A 40 2.11 -1.16 -48.88
CA GLY A 40 2.26 -1.33 -50.33
C GLY A 40 3.70 -1.12 -50.76
N ALA A 41 4.14 -1.86 -51.79
CA ALA A 41 5.39 -1.63 -52.54
C ALA A 41 5.49 -0.14 -52.78
N THR A 42 6.64 0.44 -52.44
CA THR A 42 7.03 1.82 -52.78
C THR A 42 7.33 1.92 -54.28
N ILE A 43 6.78 2.97 -54.91
CA ILE A 43 6.93 3.31 -56.35
C ILE A 43 8.00 4.39 -56.42
N ASP A 44 9.14 4.10 -57.04
CA ASP A 44 10.25 5.08 -57.12
C ASP A 44 10.62 5.49 -55.68
N VAL A 45 10.82 6.77 -55.40
CA VAL A 45 11.34 7.22 -54.07
C VAL A 45 10.19 7.81 -53.28
N GLU A 46 10.00 7.39 -52.05
CA GLU A 46 9.08 8.06 -51.10
C GLU A 46 9.96 8.91 -50.17
N HIS A 47 9.77 10.21 -50.25
CA HIS A 47 10.57 11.25 -49.54
C HIS A 47 9.97 11.44 -48.16
N SER A 48 10.81 11.49 -47.14
CA SER A 48 10.39 11.80 -45.76
C SER A 48 11.32 12.87 -45.16
N HIS A 49 10.75 13.87 -44.51
CA HIS A 49 11.47 14.88 -43.69
C HIS A 49 11.19 14.59 -42.22
N VAL A 50 12.19 14.10 -41.51
CA VAL A 50 12.14 13.92 -40.02
C VAL A 50 12.89 15.09 -39.35
N ARG A 51 12.15 15.92 -38.61
CA ARG A 51 12.70 16.87 -37.61
C ARG A 51 13.22 16.02 -36.45
N PHE A 52 14.53 15.95 -36.25
CA PHE A 52 15.18 15.22 -35.14
C PHE A 52 15.92 16.24 -34.26
N LEU A 53 15.42 16.55 -33.07
CA LEU A 53 16.07 17.49 -32.09
C LEU A 53 16.09 18.96 -32.54
N GLY A 54 15.58 19.37 -33.69
CA GLY A 54 15.56 20.82 -34.04
C GLY A 54 16.89 21.37 -34.58
N ASN A 55 18.03 20.73 -34.33
CA ASN A 55 19.31 21.08 -35.00
C ASN A 55 19.52 20.20 -36.27
N LEU A 56 18.86 19.04 -36.38
CA LEU A 56 19.06 18.03 -37.47
C LEU A 56 17.74 17.81 -38.22
N VAL A 57 17.78 17.74 -39.55
CA VAL A 57 16.61 17.26 -40.36
C VAL A 57 17.09 16.05 -41.17
N LEU A 58 16.42 14.91 -41.06
CA LEU A 58 16.73 13.72 -41.88
C LEU A 58 15.86 13.74 -43.16
N ASN A 59 16.48 13.95 -44.34
CA ASN A 59 15.85 13.79 -45.68
C ASN A 59 15.97 12.32 -46.08
N LEU A 60 14.99 11.55 -45.66
CA LEU A 60 14.90 10.09 -45.90
C LEU A 60 14.45 9.81 -47.32
N TRP A 61 15.29 9.15 -48.10
CA TRP A 61 14.95 8.66 -49.47
C TRP A 61 14.72 7.17 -49.40
N ASP A 62 13.44 6.80 -49.36
CA ASP A 62 12.97 5.40 -49.41
C ASP A 62 12.81 5.01 -50.88
N CYS A 63 13.78 4.25 -51.40
CA CYS A 63 13.83 3.86 -52.85
C CYS A 63 13.20 2.48 -53.06
N GLY A 64 12.13 2.41 -53.85
CA GLY A 64 11.60 1.12 -54.28
C GLY A 64 12.69 0.30 -54.91
N GLY A 65 12.81 -0.99 -54.55
CA GLY A 65 13.87 -1.89 -55.06
C GLY A 65 13.45 -2.85 -56.16
N LEU A 66 12.26 -2.70 -56.76
CA LEU A 66 11.91 -3.28 -58.08
C LEU A 66 13.13 -3.08 -58.98
N ASP A 67 13.60 -4.14 -59.65
CA ASP A 67 14.68 -4.05 -60.66
C ASP A 67 14.49 -2.79 -61.53
N THR A 68 13.28 -2.54 -62.02
CA THR A 68 12.99 -1.42 -62.95
C THR A 68 13.39 -0.12 -62.26
N PHE A 69 13.03 0.05 -60.97
CA PHE A 69 13.31 1.32 -60.26
C PHE A 69 14.82 1.50 -60.09
N MET A 70 15.52 0.40 -59.78
CA MET A 70 16.96 0.39 -59.51
C MET A 70 17.68 0.94 -60.76
N GLU A 71 17.40 0.36 -61.93
CA GLU A 71 18.00 0.71 -63.25
C GLU A 71 17.87 2.21 -63.54
N ASN A 72 16.76 2.84 -63.20
CA ASN A 72 16.58 4.29 -63.41
C ASN A 72 17.54 5.05 -62.47
N TYR A 73 17.67 4.58 -61.22
CA TYR A 73 18.55 5.19 -60.20
C TYR A 73 19.98 5.15 -60.72
N PHE A 74 20.35 4.03 -61.36
CA PHE A 74 21.69 3.79 -61.93
C PHE A 74 21.90 4.54 -63.26
N THR A 75 20.87 5.22 -63.82
CA THR A 75 20.99 5.91 -65.14
C THR A 75 20.34 7.29 -65.10
N SER A 76 19.08 7.40 -65.56
CA SER A 76 18.43 8.71 -65.80
C SER A 76 18.26 9.48 -64.49
N GLN A 77 18.20 8.79 -63.35
CA GLN A 77 17.98 9.45 -62.02
C GLN A 77 19.30 9.46 -61.21
N ARG A 78 20.41 8.96 -61.81
CA ARG A 78 21.76 8.79 -61.19
C ARG A 78 22.24 10.00 -60.38
N ASP A 79 22.07 11.23 -60.89
CA ASP A 79 22.57 12.44 -60.19
C ASP A 79 21.57 12.74 -59.08
N ASN A 80 20.28 12.85 -59.39
CA ASN A 80 19.23 13.14 -58.38
C ASN A 80 19.42 12.20 -57.16
N ILE A 81 19.64 10.91 -57.38
CA ILE A 81 19.67 9.90 -56.28
C ILE A 81 20.98 10.04 -55.49
N PHE A 82 22.12 9.98 -56.15
CA PHE A 82 23.40 9.65 -55.47
C PHE A 82 24.21 10.90 -55.09
N ARG A 83 23.77 12.11 -55.42
CA ARG A 83 24.47 13.36 -54.99
C ARG A 83 24.09 13.72 -53.55
N ASN A 84 25.02 14.31 -52.79
CA ASN A 84 24.77 14.99 -51.49
C ASN A 84 24.43 13.96 -50.42
N VAL A 85 24.91 12.74 -50.56
CA VAL A 85 24.44 11.66 -49.67
C VAL A 85 25.38 11.62 -48.45
N GLU A 86 24.82 11.87 -47.27
CA GLU A 86 25.46 11.68 -45.94
C GLU A 86 25.50 10.19 -45.62
N VAL A 87 24.36 9.52 -45.76
CA VAL A 87 24.23 8.09 -45.37
C VAL A 87 23.49 7.28 -46.44
N LEU A 88 24.02 6.10 -46.74
CA LEU A 88 23.36 5.02 -47.48
C LEU A 88 23.11 3.92 -46.47
N ILE A 89 21.83 3.59 -46.28
CA ILE A 89 21.38 2.41 -45.51
C ILE A 89 20.91 1.39 -46.54
N TYR A 90 21.58 0.25 -46.64
CA TYR A 90 21.30 -0.76 -47.67
C TYR A 90 20.79 -1.99 -46.95
N VAL A 91 19.60 -2.44 -47.37
CA VAL A 91 18.86 -3.54 -46.70
C VAL A 91 19.00 -4.81 -47.52
N PHE A 92 19.15 -5.93 -46.83
CA PHE A 92 19.29 -7.28 -47.41
C PHE A 92 18.34 -8.15 -46.65
N ASP A 93 17.57 -8.94 -47.41
CA ASP A 93 16.67 -9.99 -46.90
C ASP A 93 17.52 -11.22 -46.62
N VAL A 94 17.71 -11.56 -45.34
CA VAL A 94 18.48 -12.78 -44.95
C VAL A 94 17.99 -13.99 -45.79
N GLU A 95 16.75 -13.96 -46.23
CA GLU A 95 16.04 -15.11 -46.83
C GLU A 95 16.13 -15.06 -48.36
N SER A 96 16.82 -14.09 -48.96
CA SER A 96 16.94 -13.96 -50.44
C SER A 96 17.44 -15.27 -51.05
N ARG A 97 16.92 -15.62 -52.23
CA ARG A 97 17.40 -16.76 -53.08
C ARG A 97 18.39 -16.23 -54.12
N GLU A 98 18.51 -14.91 -54.25
CA GLU A 98 19.27 -14.25 -55.34
C GLU A 98 20.50 -13.56 -54.74
N LEU A 99 21.26 -14.24 -53.88
CA LEU A 99 22.43 -13.60 -53.20
C LEU A 99 23.30 -12.90 -54.26
N GLU A 100 23.71 -13.56 -55.33
CA GLU A 100 24.62 -12.90 -56.30
C GLU A 100 23.91 -11.65 -56.84
N LYS A 101 22.68 -11.79 -57.34
CA LYS A 101 21.94 -10.64 -57.91
C LYS A 101 21.81 -9.53 -56.85
N ASP A 102 21.63 -9.90 -55.58
CA ASP A 102 21.54 -8.95 -54.44
C ASP A 102 22.83 -8.12 -54.41
N MET A 103 24.00 -8.80 -54.38
CA MET A 103 25.33 -8.18 -54.28
C MET A 103 25.56 -7.27 -55.49
N HIS A 104 25.04 -7.64 -56.64
CA HIS A 104 25.26 -6.89 -57.90
C HIS A 104 24.53 -5.55 -57.78
N TYR A 105 23.35 -5.51 -57.16
CA TYR A 105 22.56 -4.25 -56.99
C TYR A 105 23.23 -3.42 -55.89
N TYR A 106 23.76 -4.06 -54.85
CA TYR A 106 24.52 -3.36 -53.76
C TYR A 106 25.77 -2.68 -54.35
N GLN A 107 26.63 -3.47 -55.00
CA GLN A 107 27.94 -2.98 -55.54
C GLN A 107 27.71 -1.86 -56.55
N SER A 108 26.60 -1.91 -57.28
CA SER A 108 26.26 -0.88 -58.30
C SER A 108 25.87 0.42 -57.60
N CYS A 109 25.25 0.35 -56.42
CA CYS A 109 24.97 1.50 -55.53
C CYS A 109 26.31 2.04 -54.95
N LEU A 110 27.16 1.14 -54.44
CA LEU A 110 28.50 1.52 -53.91
C LEU A 110 29.27 2.28 -55.00
N GLU A 111 29.20 1.87 -56.26
CA GLU A 111 29.94 2.58 -57.34
C GLU A 111 29.38 4.01 -57.46
N ALA A 112 28.08 4.15 -57.70
CA ALA A 112 27.40 5.45 -57.78
C ALA A 112 27.80 6.29 -56.56
N ILE A 113 27.95 5.66 -55.40
CA ILE A 113 28.26 6.42 -54.14
C ILE A 113 29.74 6.83 -54.19
N LEU A 114 30.63 5.95 -54.71
CA LEU A 114 32.07 6.25 -54.92
C LEU A 114 32.25 7.40 -55.94
N GLN A 115 31.35 7.50 -56.90
CA GLN A 115 31.48 8.45 -58.01
C GLN A 115 30.81 9.77 -57.64
N ASN A 116 29.90 9.82 -56.68
CA ASN A 116 28.99 11.00 -56.58
C ASN A 116 28.99 11.56 -55.14
N SER A 117 29.16 10.71 -54.13
CA SER A 117 29.10 11.09 -52.70
C SER A 117 30.05 10.21 -51.92
N PRO A 118 31.37 10.28 -52.22
CA PRO A 118 32.32 9.26 -51.75
C PRO A 118 32.67 9.34 -50.26
N ASP A 119 32.16 10.32 -49.51
CA ASP A 119 32.32 10.36 -48.04
C ASP A 119 31.03 9.92 -47.32
N ALA A 120 30.06 9.38 -48.06
CA ALA A 120 28.79 8.86 -47.50
C ALA A 120 29.13 7.81 -46.45
N LYS A 121 28.51 7.90 -45.28
CA LYS A 121 28.62 6.77 -44.32
C LYS A 121 27.72 5.65 -44.87
N ILE A 122 28.24 4.43 -44.96
CA ILE A 122 27.50 3.30 -45.55
C ILE A 122 27.13 2.35 -44.43
N PHE A 123 25.87 1.92 -44.36
CA PHE A 123 25.41 0.87 -43.40
C PHE A 123 24.73 -0.23 -44.19
N CYS A 124 24.91 -1.46 -43.75
CA CYS A 124 24.33 -2.67 -44.34
C CYS A 124 23.53 -3.36 -43.27
N LEU A 125 22.24 -3.56 -43.55
CA LEU A 125 21.31 -4.21 -42.58
C LEU A 125 20.93 -5.58 -43.14
N VAL A 126 21.30 -6.61 -42.42
CA VAL A 126 20.99 -8.02 -42.75
C VAL A 126 19.70 -8.34 -42.01
N HIS A 127 18.58 -8.29 -42.75
CA HIS A 127 17.23 -8.03 -42.17
C HIS A 127 16.36 -9.31 -42.18
N LYS A 128 15.28 -9.29 -41.39
CA LYS A 128 14.31 -10.40 -41.22
C LYS A 128 14.97 -11.55 -40.45
N MET A 129 15.94 -11.24 -39.61
CA MET A 129 16.74 -12.23 -38.87
C MET A 129 15.81 -13.11 -38.04
N ASP A 130 14.54 -12.70 -37.87
CA ASP A 130 13.54 -13.47 -37.09
C ASP A 130 13.18 -14.76 -37.84
N LEU A 131 13.43 -14.81 -39.15
CA LEU A 131 13.11 -15.99 -39.99
C LEU A 131 14.20 -17.07 -39.88
N VAL A 132 15.32 -16.77 -39.24
CA VAL A 132 16.40 -17.75 -38.98
C VAL A 132 16.29 -18.22 -37.53
N GLN A 133 16.62 -19.50 -37.29
CA GLN A 133 16.66 -20.16 -35.94
C GLN A 133 17.62 -19.36 -35.04
N GLU A 134 17.31 -19.12 -33.76
CA GLU A 134 18.18 -18.36 -32.80
C GLU A 134 19.65 -18.84 -32.86
N ASP A 135 19.89 -20.14 -32.74
CA ASP A 135 21.26 -20.73 -32.66
C ASP A 135 22.04 -20.54 -33.96
N GLN A 136 21.46 -19.93 -35.01
CA GLN A 136 22.08 -19.78 -36.36
C GLN A 136 22.41 -18.33 -36.69
N ARG A 137 21.77 -17.40 -35.98
CA ARG A 137 21.73 -15.95 -36.32
C ARG A 137 23.13 -15.36 -36.26
N ASP A 138 23.87 -15.59 -35.17
CA ASP A 138 25.20 -14.94 -35.00
C ASP A 138 26.13 -15.49 -36.08
N LEU A 139 26.15 -16.80 -36.23
CA LEU A 139 26.88 -17.49 -37.32
C LEU A 139 26.58 -16.80 -38.67
N ILE A 140 25.32 -16.85 -39.14
CA ILE A 140 24.97 -16.38 -40.52
C ILE A 140 25.33 -14.90 -40.68
N PHE A 141 25.15 -14.07 -39.65
CA PHE A 141 25.44 -12.60 -39.74
C PHE A 141 26.95 -12.37 -39.92
N LYS A 142 27.79 -13.01 -39.09
CA LYS A 142 29.30 -12.90 -39.17
C LYS A 142 29.78 -13.16 -40.60
N GLU A 143 29.33 -14.26 -41.20
CA GLU A 143 29.69 -14.63 -42.60
C GLU A 143 29.19 -13.51 -43.54
N ARG A 144 27.91 -13.12 -43.46
CA ARG A 144 27.36 -12.09 -44.38
C ARG A 144 28.20 -10.84 -44.13
N GLU A 145 28.50 -10.51 -42.86
CA GLU A 145 29.29 -9.31 -42.52
C GLU A 145 30.65 -9.35 -43.22
N GLU A 146 31.38 -10.46 -43.04
CA GLU A 146 32.74 -10.66 -43.60
C GLU A 146 32.70 -10.40 -45.11
N ASP A 147 31.76 -11.01 -45.84
CA ASP A 147 31.59 -10.79 -47.32
C ASP A 147 31.30 -9.32 -47.63
N LEU A 148 30.44 -8.69 -46.83
CA LEU A 148 29.96 -7.31 -47.11
C LEU A 148 31.14 -6.34 -46.96
N ARG A 149 31.92 -6.49 -45.89
CA ARG A 149 33.12 -5.64 -45.66
C ARG A 149 34.12 -5.81 -46.82
N ARG A 150 34.34 -7.03 -47.29
CA ARG A 150 35.31 -7.33 -48.37
C ARG A 150 34.77 -6.79 -49.71
N LEU A 151 33.50 -7.08 -50.06
CA LEU A 151 32.92 -6.67 -51.38
C LEU A 151 32.62 -5.17 -51.38
N SER A 152 32.78 -4.49 -50.25
CA SER A 152 32.54 -3.03 -50.16
C SER A 152 33.79 -2.27 -50.60
N ARG A 153 34.82 -3.02 -51.02
CA ARG A 153 35.93 -2.57 -51.92
C ARG A 153 36.71 -1.54 -51.11
N PRO A 154 36.92 -0.30 -51.56
CA PRO A 154 37.67 0.66 -50.74
C PRO A 154 36.82 1.33 -49.65
N LEU A 155 35.49 1.37 -49.81
CA LEU A 155 34.55 2.01 -48.83
C LEU A 155 34.44 1.14 -47.59
N GLU A 156 34.29 1.75 -46.42
CA GLU A 156 33.95 1.03 -45.17
C GLU A 156 32.42 0.95 -45.08
N CYS A 157 31.91 -0.12 -44.48
CA CYS A 157 30.48 -0.36 -44.20
C CYS A 157 30.34 -0.86 -42.75
N ALA A 158 29.27 -0.47 -42.06
CA ALA A 158 28.93 -0.99 -40.72
C ALA A 158 27.63 -1.82 -40.86
N CYS A 159 27.71 -3.08 -40.42
CA CYS A 159 26.67 -4.09 -40.61
C CYS A 159 26.03 -4.38 -39.25
N PHE A 160 24.75 -4.71 -39.31
CA PHE A 160 23.92 -5.11 -38.16
C PHE A 160 22.96 -6.14 -38.69
N ARG A 161 22.58 -7.04 -37.81
CA ARG A 161 21.50 -8.02 -38.06
C ARG A 161 20.26 -7.37 -37.44
N THR A 162 19.18 -7.19 -38.19
CA THR A 162 17.97 -6.50 -37.70
C THR A 162 16.74 -7.37 -37.91
N SER A 163 15.69 -7.07 -37.15
CA SER A 163 14.32 -7.60 -37.31
C SER A 163 13.35 -6.56 -36.76
N ILE A 164 12.14 -6.44 -37.30
CA ILE A 164 11.09 -5.53 -36.76
C ILE A 164 10.50 -6.17 -35.48
N TRP A 165 10.84 -7.42 -35.20
CA TRP A 165 10.18 -8.21 -34.14
C TRP A 165 10.96 -8.18 -32.83
N ASP A 166 12.11 -7.49 -32.81
CA ASP A 166 12.94 -7.29 -31.58
C ASP A 166 13.72 -5.97 -31.61
N GLU A 167 14.60 -5.81 -30.63
CA GLU A 167 15.32 -4.55 -30.28
C GLU A 167 16.49 -4.28 -31.24
N THR A 168 16.93 -5.28 -32.00
CA THR A 168 18.08 -5.17 -32.94
C THR A 168 17.81 -4.04 -33.91
N LEU A 169 16.52 -3.80 -34.28
CA LEU A 169 16.20 -2.69 -35.23
C LEU A 169 16.54 -1.33 -34.60
N TYR A 170 16.31 -1.15 -33.30
CA TYR A 170 16.66 0.10 -32.56
C TYR A 170 18.20 0.22 -32.40
N LYS A 171 18.90 -0.90 -32.12
CA LYS A 171 20.40 -0.91 -32.10
C LYS A 171 20.92 -0.24 -33.36
N ALA A 172 20.50 -0.75 -34.51
CA ALA A 172 21.00 -0.31 -35.83
C ALA A 172 20.59 1.15 -36.03
N TRP A 173 19.32 1.51 -35.85
CA TRP A 173 18.87 2.89 -36.23
C TRP A 173 19.43 3.91 -35.22
N SER A 174 19.63 3.52 -33.97
CA SER A 174 20.36 4.37 -32.99
C SER A 174 21.76 4.68 -33.52
N SER A 175 22.51 3.66 -33.95
CA SER A 175 23.90 3.83 -34.43
C SER A 175 23.89 4.75 -35.64
N ILE A 176 22.92 4.59 -36.54
CA ILE A 176 22.89 5.39 -37.79
C ILE A 176 22.68 6.85 -37.40
N VAL A 177 21.68 7.12 -36.59
CA VAL A 177 21.24 8.51 -36.29
C VAL A 177 22.31 9.18 -35.42
N TYR A 178 22.88 8.44 -34.47
CA TYR A 178 23.99 8.91 -33.60
C TYR A 178 25.04 9.65 -34.43
N GLN A 179 25.37 9.13 -35.61
CA GLN A 179 26.49 9.62 -36.45
C GLN A 179 26.07 10.90 -37.18
N LEU A 180 24.81 11.30 -37.09
CA LEU A 180 24.23 12.43 -37.84
C LEU A 180 23.87 13.59 -36.91
N ILE A 181 23.82 13.37 -35.60
CA ILE A 181 23.51 14.42 -34.60
C ILE A 181 24.73 15.33 -34.56
N PRO A 182 24.59 16.64 -34.81
CA PRO A 182 25.73 17.55 -34.89
C PRO A 182 26.73 17.53 -33.73
N ASN A 183 26.43 18.21 -32.63
CA ASN A 183 27.43 18.44 -31.55
C ASN A 183 27.27 17.30 -30.54
N VAL A 184 27.39 16.06 -31.00
CA VAL A 184 26.92 14.88 -30.22
C VAL A 184 27.91 14.66 -29.06
N GLN A 185 29.17 15.03 -29.23
CA GLN A 185 30.23 14.88 -28.21
C GLN A 185 29.91 15.86 -27.06
N GLN A 186 29.49 17.09 -27.38
CA GLN A 186 29.02 18.06 -26.35
C GLN A 186 27.91 17.42 -25.53
N LEU A 187 26.82 17.03 -26.19
CA LEU A 187 25.61 16.45 -25.56
C LEU A 187 26.04 15.38 -24.55
N GLU A 188 26.99 14.53 -24.94
CA GLU A 188 27.46 13.37 -24.15
C GLU A 188 28.08 13.91 -22.84
N MET A 189 28.91 14.96 -22.93
CA MET A 189 29.63 15.60 -21.79
C MET A 189 28.60 16.23 -20.85
N ASN A 190 27.67 17.03 -21.41
CA ASN A 190 26.61 17.76 -20.67
C ASN A 190 25.77 16.76 -19.86
N LEU A 191 25.56 15.56 -20.41
CA LEU A 191 24.74 14.49 -19.77
C LEU A 191 25.60 13.74 -18.74
N ARG A 192 26.90 13.57 -18.98
CA ARG A 192 27.85 12.91 -18.04
C ARG A 192 27.97 13.85 -16.83
N ASN A 193 28.08 15.15 -17.09
CA ASN A 193 27.96 16.23 -16.08
C ASN A 193 26.70 15.95 -15.25
N PHE A 194 25.52 16.19 -15.81
CA PHE A 194 24.17 15.99 -15.20
C PHE A 194 24.14 14.69 -14.37
N ALA A 195 24.62 13.60 -14.95
CA ALA A 195 24.54 12.27 -14.32
C ALA A 195 25.32 12.28 -13.02
N GLN A 196 26.55 12.81 -13.07
CA GLN A 196 27.52 12.86 -11.93
C GLN A 196 26.96 13.79 -10.84
N ILE A 197 26.45 14.97 -11.18
CA ILE A 197 25.82 15.89 -10.19
C ILE A 197 24.68 15.18 -9.44
N ILE A 198 23.88 14.35 -10.12
CA ILE A 198 22.67 13.72 -9.52
C ILE A 198 23.02 12.31 -8.98
N GLU A 199 24.24 11.87 -9.20
CA GLU A 199 24.81 10.63 -8.61
C GLU A 199 23.98 9.42 -9.08
N ALA A 200 23.77 9.34 -10.38
CA ALA A 200 23.01 8.25 -11.03
C ALA A 200 23.99 7.13 -11.37
N ASP A 201 23.59 5.87 -11.18
CA ASP A 201 24.25 4.67 -11.78
C ASP A 201 24.26 4.80 -13.30
N GLU A 202 23.17 5.33 -13.92
CA GLU A 202 23.01 5.43 -15.40
C GLU A 202 21.92 6.44 -15.78
N VAL A 203 22.20 7.23 -16.80
CA VAL A 203 21.23 8.15 -17.45
C VAL A 203 21.19 7.79 -18.93
N LEU A 204 20.00 7.52 -19.48
CA LEU A 204 19.80 7.40 -20.95
C LEU A 204 19.08 8.66 -21.42
N LEU A 205 19.45 9.20 -22.58
CA LEU A 205 18.70 10.35 -23.18
C LEU A 205 18.10 9.84 -24.49
N PHE A 206 16.80 10.07 -24.72
CA PHE A 206 16.09 9.59 -25.92
C PHE A 206 15.49 10.76 -26.73
N GLU A 207 15.59 10.69 -28.06
CA GLU A 207 14.80 11.57 -28.95
C GLU A 207 13.36 11.14 -28.74
N ARG A 208 12.48 12.12 -28.54
CA ARG A 208 11.10 11.97 -28.01
C ARG A 208 10.22 11.10 -28.92
N ALA A 209 10.19 11.38 -30.22
CA ALA A 209 9.24 10.76 -31.16
C ALA A 209 9.65 9.30 -31.43
N THR A 210 10.94 9.02 -31.69
CA THR A 210 11.45 7.68 -32.10
C THR A 210 11.83 6.80 -30.90
N PHE A 211 12.24 7.39 -29.78
CA PHE A 211 12.80 6.72 -28.58
C PHE A 211 14.16 6.06 -28.89
N LEU A 212 14.85 6.57 -29.90
CA LEU A 212 16.25 6.21 -30.15
C LEU A 212 17.11 6.79 -29.01
N VAL A 213 18.01 5.99 -28.46
CA VAL A 213 19.06 6.48 -27.52
C VAL A 213 20.00 7.39 -28.32
N ILE A 214 20.17 8.64 -27.88
CA ILE A 214 21.00 9.68 -28.56
C ILE A 214 22.24 10.05 -27.72
N SER A 215 22.29 9.62 -26.46
CA SER A 215 23.41 9.81 -25.49
C SER A 215 23.19 8.92 -24.27
N HIS A 216 24.24 8.58 -23.55
CA HIS A 216 24.11 7.88 -22.25
C HIS A 216 25.32 8.18 -21.37
N TYR A 217 25.23 7.68 -20.15
CA TYR A 217 26.32 7.78 -19.17
C TYR A 217 26.13 6.65 -18.17
N GLN A 218 27.17 5.86 -17.94
CA GLN A 218 27.06 4.76 -16.96
C GLN A 218 28.14 4.96 -15.91
N CYS A 219 27.84 4.66 -14.65
CA CYS A 219 28.84 4.73 -13.57
C CYS A 219 29.49 3.36 -13.48
N LYS A 220 28.82 2.46 -12.76
CA LYS A 220 29.27 1.06 -12.62
C LYS A 220 28.90 0.30 -13.91
N GLU A 221 29.89 0.05 -14.78
CA GLU A 221 29.82 -0.97 -15.87
C GLU A 221 28.68 -1.99 -15.63
N GLN A 222 27.64 -2.03 -16.49
CA GLN A 222 26.49 -2.98 -16.39
C GLN A 222 26.77 -4.27 -17.16
N ARG A 223 25.93 -5.30 -17.00
CA ARG A 223 26.17 -6.65 -17.58
C ARG A 223 25.54 -6.79 -18.98
N ASP A 224 24.39 -6.16 -19.25
CA ASP A 224 23.66 -6.29 -20.53
C ASP A 224 24.07 -5.15 -21.48
N VAL A 225 24.98 -5.41 -22.42
CA VAL A 225 25.53 -4.35 -23.33
C VAL A 225 24.49 -4.04 -24.39
N HIS A 226 23.41 -4.83 -24.48
CA HIS A 226 22.29 -4.60 -25.42
C HIS A 226 21.17 -3.77 -24.77
N ARG A 227 21.34 -3.30 -23.54
CA ARG A 227 20.18 -2.83 -22.73
C ARG A 227 19.66 -1.52 -23.32
N PHE A 228 20.47 -0.73 -24.02
CA PHE A 228 20.01 0.56 -24.58
C PHE A 228 18.86 0.34 -25.57
N GLU A 229 19.03 -0.57 -26.55
CA GLU A 229 18.00 -0.91 -27.58
C GLU A 229 16.77 -1.52 -26.91
N LYS A 230 16.95 -2.33 -25.86
CA LYS A 230 15.82 -3.00 -25.21
C LYS A 230 14.93 -1.93 -24.59
N ILE A 231 15.53 -0.92 -23.96
CA ILE A 231 14.80 0.15 -23.24
C ILE A 231 14.05 0.95 -24.29
N SER A 232 14.72 1.34 -25.39
CA SER A 232 14.09 2.01 -26.58
C SER A 232 12.80 1.26 -26.95
N ASN A 233 12.91 -0.05 -27.10
CA ASN A 233 11.85 -0.93 -27.65
C ASN A 233 10.71 -1.08 -26.63
N ILE A 234 11.03 -1.49 -25.43
CA ILE A 234 10.09 -1.62 -24.28
C ILE A 234 9.27 -0.33 -24.11
N ILE A 235 9.90 0.83 -24.15
CA ILE A 235 9.20 2.11 -23.83
C ILE A 235 8.38 2.53 -25.05
N LYS A 236 8.96 2.46 -26.25
CA LYS A 236 8.29 2.81 -27.53
C LYS A 236 6.98 2.03 -27.55
N GLN A 237 7.07 0.72 -27.34
CA GLN A 237 5.89 -0.18 -27.35
C GLN A 237 4.87 0.39 -26.38
N PHE A 238 5.25 0.62 -25.13
CA PHE A 238 4.29 1.03 -24.07
C PHE A 238 3.67 2.38 -24.45
N LYS A 239 4.47 3.27 -25.00
CA LYS A 239 4.04 4.62 -25.44
C LYS A 239 2.92 4.46 -26.49
N LEU A 240 3.01 3.44 -27.35
CA LEU A 240 2.00 3.15 -28.39
C LEU A 240 0.77 2.48 -27.75
N SER A 241 0.93 1.63 -26.75
CA SER A 241 -0.27 1.08 -26.03
C SER A 241 -1.06 2.22 -25.36
N CYS A 242 -0.38 3.22 -24.78
CA CYS A 242 -1.01 4.39 -24.09
C CYS A 242 -1.89 5.13 -25.10
N SER A 243 -1.29 5.78 -26.10
CA SER A 243 -2.00 6.61 -27.11
C SER A 243 -3.22 5.87 -27.71
N LYS A 244 -3.11 4.57 -28.01
CA LYS A 244 -4.19 3.71 -28.56
C LYS A 244 -5.28 3.44 -27.51
N LEU A 245 -4.90 3.03 -26.29
CA LEU A 245 -5.86 2.47 -25.28
C LEU A 245 -6.39 3.56 -24.33
N ALA A 246 -5.71 4.67 -24.13
CA ALA A 246 -6.09 5.68 -23.11
C ALA A 246 -5.65 7.07 -23.57
N ALA A 247 -4.53 7.60 -23.07
CA ALA A 247 -3.86 8.82 -23.57
C ALA A 247 -2.34 8.67 -23.47
N SER A 248 -1.63 9.49 -24.22
CA SER A 248 -0.17 9.72 -24.23
C SER A 248 0.51 9.51 -22.86
N PHE A 249 1.55 8.69 -22.90
CA PHE A 249 2.56 8.52 -21.84
C PHE A 249 3.09 9.89 -21.46
N GLN A 250 3.20 10.20 -20.17
CA GLN A 250 3.88 11.42 -19.64
C GLN A 250 5.20 11.01 -18.96
N SER A 251 5.13 10.09 -18.00
CA SER A 251 6.27 9.83 -17.08
C SER A 251 6.07 8.49 -16.39
N MET A 252 7.15 7.94 -15.88
CA MET A 252 7.13 6.63 -15.19
C MET A 252 8.17 6.62 -14.07
N GLU A 253 7.78 6.02 -12.97
CA GLU A 253 8.65 5.71 -11.84
C GLU A 253 8.56 4.21 -11.57
N VAL A 254 9.70 3.54 -11.56
CA VAL A 254 9.80 2.07 -11.28
C VAL A 254 10.90 1.84 -10.22
N ARG A 255 10.67 0.85 -9.37
CA ARG A 255 11.48 0.52 -8.18
C ARG A 255 11.48 -0.97 -7.90
N ASN A 256 12.55 -1.38 -7.24
CA ASN A 256 12.86 -2.72 -6.71
C ASN A 256 13.49 -2.49 -5.34
N SER A 257 13.78 -3.52 -4.55
CA SER A 257 14.69 -3.39 -3.39
C SER A 257 16.12 -3.02 -3.83
N ASN A 258 16.50 -3.26 -5.09
CA ASN A 258 17.85 -2.98 -5.67
C ASN A 258 17.98 -1.72 -6.54
N PHE A 259 16.89 -1.06 -6.96
CA PHE A 259 17.01 0.15 -7.84
C PHE A 259 15.71 0.97 -7.87
N ALA A 260 15.87 2.17 -8.43
CA ALA A 260 14.76 3.07 -8.83
C ALA A 260 15.07 3.63 -10.21
N ALA A 261 14.14 3.57 -11.16
CA ALA A 261 14.31 4.41 -12.38
C ALA A 261 13.17 5.41 -12.57
N PHE A 262 13.52 6.56 -13.13
CA PHE A 262 12.61 7.68 -13.46
C PHE A 262 12.73 7.99 -14.95
N ILE A 263 11.63 7.88 -15.70
CA ILE A 263 11.53 8.23 -17.13
C ILE A 263 10.58 9.41 -17.25
N ASP A 264 11.04 10.50 -17.80
CA ASP A 264 10.25 11.73 -17.89
C ASP A 264 10.71 12.49 -19.13
N ILE A 265 9.82 13.36 -19.64
CA ILE A 265 10.13 14.42 -20.63
C ILE A 265 11.30 15.22 -20.05
N PHE A 266 12.25 15.61 -20.91
CA PHE A 266 13.43 16.42 -20.54
C PHE A 266 13.33 17.78 -21.22
N THR A 267 13.67 17.85 -22.51
CA THR A 267 13.51 19.05 -23.35
C THR A 267 12.33 18.81 -24.27
N SER A 268 11.95 19.78 -25.09
CA SER A 268 10.74 19.65 -25.94
C SER A 268 10.95 18.45 -26.88
N ASN A 269 12.20 18.10 -27.17
CA ASN A 269 12.56 17.06 -28.17
C ASN A 269 13.15 15.80 -27.55
N THR A 270 13.10 15.59 -26.24
CA THR A 270 13.80 14.44 -25.61
C THR A 270 13.05 13.90 -24.40
N TYR A 271 13.26 12.60 -24.15
CA TYR A 271 12.98 11.94 -22.87
C TYR A 271 14.33 11.66 -22.20
N VAL A 272 14.31 11.59 -20.87
CA VAL A 272 15.44 11.12 -20.02
C VAL A 272 14.93 9.96 -19.19
N MET A 273 15.81 9.00 -19.00
CA MET A 273 15.71 7.94 -17.98
C MET A 273 16.89 8.12 -17.01
N VAL A 274 16.62 8.07 -15.72
CA VAL A 274 17.62 8.16 -14.62
C VAL A 274 17.49 6.86 -13.82
N VAL A 275 18.58 6.08 -13.75
CA VAL A 275 18.71 4.89 -12.88
C VAL A 275 19.55 5.26 -11.62
N MET A 276 19.02 4.93 -10.44
CA MET A 276 19.58 5.19 -9.08
C MET A 276 19.56 3.87 -8.31
N SER A 277 20.54 3.70 -7.42
CA SER A 277 20.63 2.56 -6.48
C SER A 277 20.68 3.16 -5.08
N ASP A 278 19.70 4.03 -4.80
CA ASP A 278 19.21 4.50 -3.47
C ASP A 278 20.32 4.62 -2.42
N PRO A 279 21.33 5.51 -2.60
CA PRO A 279 22.15 5.96 -1.47
C PRO A 279 21.26 6.70 -0.45
N SER A 280 21.79 7.74 0.22
CA SER A 280 21.01 8.67 1.09
C SER A 280 20.34 9.76 0.23
N ILE A 281 19.67 9.39 -0.86
CA ILE A 281 19.01 10.34 -1.81
C ILE A 281 17.51 10.41 -1.53
N PRO A 282 17.04 11.38 -0.71
CA PRO A 282 15.62 11.73 -0.66
C PRO A 282 15.10 11.93 -2.09
N SER A 283 14.07 11.18 -2.48
CA SER A 283 13.48 11.17 -3.84
C SER A 283 13.25 12.58 -4.40
N ALA A 284 12.94 13.58 -3.55
CA ALA A 284 12.73 15.00 -3.91
C ALA A 284 13.98 15.62 -4.57
N ALA A 285 15.18 15.40 -4.02
CA ALA A 285 16.49 15.91 -4.52
C ALA A 285 16.64 15.59 -6.02
N THR A 286 16.41 14.33 -6.39
CA THR A 286 16.54 13.79 -7.77
C THR A 286 15.52 14.46 -8.70
N LEU A 287 14.25 14.48 -8.31
CA LEU A 287 13.19 15.06 -9.16
C LEU A 287 13.47 16.56 -9.33
N ILE A 288 14.02 17.22 -8.30
CA ILE A 288 14.30 18.69 -8.38
C ILE A 288 15.45 18.89 -9.37
N ASN A 289 16.43 17.99 -9.39
CA ASN A 289 17.59 18.06 -10.30
C ASN A 289 17.06 17.86 -11.73
N ILE A 290 16.29 16.82 -12.00
CA ILE A 290 15.68 16.58 -13.35
C ILE A 290 15.00 17.88 -13.81
N ARG A 291 14.12 18.40 -12.97
CA ARG A 291 13.28 19.59 -13.28
C ARG A 291 14.19 20.76 -13.70
N ASN A 292 15.27 20.98 -12.93
CA ASN A 292 16.15 22.18 -13.00
C ASN A 292 17.06 22.09 -14.23
N ALA A 293 17.64 20.92 -14.50
CA ALA A 293 18.60 20.69 -15.61
C ALA A 293 17.90 20.86 -16.97
N ARG A 294 16.58 20.83 -17.03
CA ARG A 294 15.85 21.04 -18.31
C ARG A 294 16.37 22.30 -19.03
N LYS A 295 16.37 23.45 -18.36
CA LYS A 295 16.63 24.76 -19.02
C LYS A 295 18.03 24.72 -19.64
N HIS A 296 18.99 24.06 -18.98
CA HIS A 296 20.42 23.99 -19.37
C HIS A 296 20.61 23.07 -20.59
N PHE A 297 19.67 22.15 -20.87
CA PHE A 297 19.62 21.33 -22.11
C PHE A 297 18.61 21.95 -23.09
N GLU A 298 17.58 22.64 -22.56
CA GLU A 298 16.48 23.26 -23.37
C GLU A 298 17.07 24.25 -24.38
N LYS A 299 18.20 24.91 -24.04
CA LYS A 299 19.03 25.67 -25.02
C LYS A 299 19.65 24.61 -25.95
N LEU A 300 20.93 24.74 -26.32
CA LEU A 300 21.64 23.80 -27.24
C LEU A 300 20.92 23.78 -28.60
N GLU A 301 19.92 22.91 -28.75
CA GLU A 301 19.21 22.61 -30.04
C GLU A 301 18.33 23.82 -30.41
N ARG A 302 18.94 24.92 -30.85
CA ARG A 302 18.27 26.21 -31.18
C ARG A 302 17.99 26.26 -32.69
N VAL A 303 18.62 27.19 -33.43
CA VAL A 303 18.27 27.52 -34.85
C VAL A 303 16.81 27.96 -34.91
N SER B 59 0.81 -24.24 -2.80
CA SER B 59 0.76 -25.56 -3.50
C SER B 59 -0.67 -25.92 -3.94
N SER B 60 -1.73 -25.36 -3.32
CA SER B 60 -3.17 -25.55 -3.71
C SER B 60 -3.59 -24.48 -4.72
N LYS B 61 -2.94 -24.46 -5.87
CA LYS B 61 -3.23 -23.54 -6.98
C LYS B 61 -4.38 -24.16 -7.77
N PRO B 62 -5.06 -23.39 -8.65
CA PRO B 62 -5.99 -23.96 -9.61
C PRO B 62 -5.19 -24.70 -10.69
N ARG B 63 -5.66 -25.88 -11.09
CA ARG B 63 -5.01 -26.76 -12.11
C ARG B 63 -5.79 -26.72 -13.44
N ILE B 64 -5.07 -26.37 -14.50
CA ILE B 64 -5.58 -26.24 -15.90
C ILE B 64 -4.71 -27.15 -16.77
N LEU B 65 -5.32 -27.84 -17.74
CA LEU B 65 -4.62 -28.63 -18.80
C LEU B 65 -5.02 -28.10 -20.19
N LEU B 66 -4.04 -27.65 -20.98
CA LEU B 66 -4.21 -27.32 -22.42
C LEU B 66 -4.06 -28.61 -23.26
N MET B 67 -4.90 -28.76 -24.30
CA MET B 67 -4.93 -29.93 -25.22
C MET B 67 -5.27 -29.41 -26.64
N GLY B 68 -5.24 -30.26 -27.67
CA GLY B 68 -5.35 -29.84 -29.10
C GLY B 68 -4.46 -30.63 -30.05
N LEU B 69 -4.89 -30.80 -31.29
CA LEU B 69 -4.07 -31.39 -32.38
C LEU B 69 -2.79 -30.56 -32.56
N ARG B 70 -1.75 -31.17 -33.14
CA ARG B 70 -0.43 -30.54 -33.41
C ARG B 70 -0.68 -29.38 -34.38
N ARG B 71 0.06 -28.28 -34.19
CA ARG B 71 -0.05 -27.01 -34.95
C ARG B 71 -1.37 -26.27 -34.56
N SER B 72 -2.16 -26.76 -33.58
CA SER B 72 -3.33 -25.99 -33.05
C SER B 72 -2.80 -24.69 -32.41
N GLY B 73 -1.74 -24.78 -31.61
CA GLY B 73 -0.90 -23.63 -31.19
C GLY B 73 -0.57 -23.65 -29.70
N LYS B 74 -0.63 -24.83 -29.07
CA LYS B 74 -0.45 -25.08 -27.63
C LYS B 74 0.87 -24.49 -27.14
N ASN B 75 1.95 -24.82 -27.82
CA ASN B 75 3.30 -24.40 -27.38
C ASN B 75 3.34 -22.87 -27.44
N SER B 76 2.71 -22.30 -28.46
CA SER B 76 2.67 -20.85 -28.72
C SER B 76 1.90 -20.13 -27.61
N ILE B 77 0.82 -20.73 -27.11
CA ILE B 77 -0.04 -20.20 -26.01
C ILE B 77 0.78 -20.26 -24.71
N GLN B 78 1.31 -21.45 -24.40
CA GLN B 78 2.20 -21.67 -23.23
C GLN B 78 3.29 -20.60 -23.24
N LYS B 79 4.02 -20.46 -24.33
CA LYS B 79 5.22 -19.57 -24.38
C LYS B 79 4.77 -18.17 -23.98
N VAL B 80 3.79 -17.61 -24.72
CA VAL B 80 3.32 -16.20 -24.65
C VAL B 80 2.76 -15.84 -23.26
N VAL B 81 1.99 -16.74 -22.67
CA VAL B 81 1.24 -16.43 -21.43
C VAL B 81 2.21 -16.61 -20.25
N PHE B 82 2.82 -17.81 -20.11
CA PHE B 82 3.45 -18.31 -18.87
C PHE B 82 4.98 -18.29 -18.90
N HIS B 83 5.65 -18.29 -20.05
CA HIS B 83 7.14 -18.11 -20.04
C HIS B 83 7.47 -16.72 -20.56
N LYS B 84 6.51 -15.79 -20.57
CA LYS B 84 6.70 -14.34 -20.90
C LYS B 84 7.65 -14.18 -22.10
N MET B 85 7.26 -14.67 -23.29
CA MET B 85 8.08 -14.59 -24.54
C MET B 85 7.19 -14.10 -25.68
N SER B 86 7.77 -13.38 -26.65
CA SER B 86 7.04 -12.73 -27.77
C SER B 86 6.35 -13.79 -28.62
N PRO B 87 5.25 -13.43 -29.35
CA PRO B 87 4.54 -14.38 -30.20
C PRO B 87 5.31 -14.94 -31.41
N ASN B 88 6.06 -14.08 -32.12
CA ASN B 88 6.76 -14.38 -33.41
C ASN B 88 7.84 -15.46 -33.23
N GLU B 89 8.45 -15.57 -32.03
CA GLU B 89 9.60 -16.46 -31.74
C GLU B 89 9.10 -17.88 -31.39
N THR B 90 7.76 -18.07 -31.32
CA THR B 90 7.07 -19.39 -31.16
C THR B 90 6.99 -20.14 -32.51
N LEU B 91 7.42 -19.52 -33.62
CA LEU B 91 7.53 -20.17 -34.97
C LEU B 91 8.64 -21.22 -34.98
N PHE B 92 9.48 -21.28 -33.92
CA PHE B 92 10.57 -22.29 -33.71
C PHE B 92 10.51 -22.88 -32.29
N LEU B 93 9.56 -23.78 -32.03
CA LEU B 93 9.40 -24.50 -30.73
C LEU B 93 8.52 -25.74 -30.92
N ASN B 106 6.48 -23.07 -11.78
CA ASN B 106 6.44 -22.86 -10.31
C ASN B 106 6.29 -21.38 -9.94
N SER B 107 6.44 -20.46 -10.91
CA SER B 107 6.52 -18.98 -10.73
C SER B 107 5.17 -18.24 -10.97
N SER B 108 4.04 -18.94 -11.19
CA SER B 108 2.68 -18.34 -11.31
C SER B 108 1.70 -18.94 -10.29
N PHE B 109 0.70 -18.15 -9.89
CA PHE B 109 -0.48 -18.54 -9.08
C PHE B 109 -1.17 -19.77 -9.73
N VAL B 110 -0.94 -20.01 -11.01
CA VAL B 110 -1.67 -21.06 -11.78
C VAL B 110 -0.73 -22.27 -11.96
N ASN B 111 -1.25 -23.48 -11.73
CA ASN B 111 -0.58 -24.72 -12.17
C ASN B 111 -1.12 -25.12 -13.55
N PHE B 112 -0.36 -24.87 -14.61
CA PHE B 112 -0.77 -25.14 -16.02
C PHE B 112 0.12 -26.21 -16.68
N GLN B 113 -0.47 -27.13 -17.48
CA GLN B 113 0.27 -28.13 -18.30
C GLN B 113 -0.37 -28.39 -19.68
N ILE B 114 0.43 -28.34 -20.75
CA ILE B 114 0.15 -28.98 -22.08
C ILE B 114 0.02 -30.50 -21.92
N TRP B 115 -0.73 -31.16 -22.81
CA TRP B 115 -1.05 -32.63 -22.78
C TRP B 115 -1.27 -33.14 -24.22
N GLU B 131 -6.68 -42.81 -16.08
CA GLU B 131 -7.16 -41.41 -16.21
C GLU B 131 -7.09 -40.73 -14.82
N MET B 132 -5.88 -40.67 -14.26
CA MET B 132 -5.56 -40.07 -12.93
C MET B 132 -5.49 -38.54 -13.07
N ILE B 133 -5.10 -38.07 -14.26
CA ILE B 133 -4.79 -36.65 -14.57
C ILE B 133 -6.05 -35.79 -14.41
N PHE B 134 -7.21 -36.29 -14.86
CA PHE B 134 -8.51 -35.56 -14.83
C PHE B 134 -9.13 -35.58 -13.42
N ARG B 135 -8.61 -36.39 -12.50
CA ARG B 135 -9.10 -36.50 -11.09
C ARG B 135 -9.01 -35.14 -10.40
N GLY B 136 -7.80 -34.54 -10.35
CA GLY B 136 -7.48 -33.32 -9.59
C GLY B 136 -7.12 -32.15 -10.49
N THR B 137 -8.00 -31.82 -11.43
CA THR B 137 -7.84 -30.69 -12.39
C THR B 137 -9.14 -29.89 -12.32
N GLY B 138 -9.06 -28.58 -12.57
CA GLY B 138 -10.20 -27.66 -12.44
C GLY B 138 -10.84 -27.39 -13.79
N ALA B 139 -10.01 -27.35 -14.84
CA ALA B 139 -10.40 -26.90 -16.19
C ALA B 139 -9.52 -27.52 -17.28
N LEU B 140 -10.15 -27.84 -18.40
CA LEU B 140 -9.46 -28.35 -19.61
C LEU B 140 -9.67 -27.32 -20.74
N ILE B 141 -8.61 -26.82 -21.33
CA ILE B 141 -8.71 -25.85 -22.45
C ILE B 141 -8.39 -26.65 -23.71
N TYR B 142 -9.40 -27.01 -24.54
CA TYR B 142 -9.18 -27.63 -25.86
C TYR B 142 -9.03 -26.49 -26.86
N VAL B 143 -7.93 -26.47 -27.59
CA VAL B 143 -7.53 -25.44 -28.59
C VAL B 143 -7.91 -25.96 -29.98
N ILE B 144 -8.16 -25.08 -30.95
CA ILE B 144 -8.56 -25.40 -32.37
C ILE B 144 -7.94 -24.38 -33.34
N ASP B 145 -7.41 -24.84 -34.47
CA ASP B 145 -6.80 -23.97 -35.51
C ASP B 145 -7.91 -23.56 -36.48
N ALA B 146 -8.31 -22.30 -36.45
CA ALA B 146 -9.48 -21.80 -37.21
C ALA B 146 -8.97 -21.17 -38.50
N GLN B 147 -7.65 -21.09 -38.68
CA GLN B 147 -7.00 -20.88 -40.00
C GLN B 147 -7.11 -22.19 -40.78
N ASP B 148 -7.32 -23.31 -40.07
CA ASP B 148 -7.43 -24.67 -40.66
C ASP B 148 -8.89 -25.13 -40.63
N ASP B 149 -9.23 -26.15 -41.43
CA ASP B 149 -10.46 -26.98 -41.30
C ASP B 149 -10.49 -27.51 -39.85
N TYR B 150 -11.67 -27.66 -39.25
CA TYR B 150 -11.82 -27.99 -37.80
C TYR B 150 -12.65 -29.28 -37.61
N MET B 151 -13.12 -29.91 -38.69
CA MET B 151 -13.94 -31.17 -38.62
C MET B 151 -13.19 -32.25 -37.79
N GLU B 152 -11.94 -32.55 -38.17
CA GLU B 152 -11.10 -33.51 -37.42
C GLU B 152 -10.97 -32.99 -35.97
N ALA B 153 -10.47 -31.74 -35.85
CA ALA B 153 -10.34 -30.96 -34.60
C ALA B 153 -11.57 -31.13 -33.70
N LEU B 154 -12.77 -30.91 -34.25
CA LEU B 154 -14.08 -30.96 -33.54
C LEU B 154 -14.34 -32.35 -32.94
N THR B 155 -13.73 -33.41 -33.49
CA THR B 155 -14.06 -34.83 -33.18
C THR B 155 -13.23 -35.32 -31.99
N ARG B 156 -11.91 -35.07 -32.03
CA ARG B 156 -11.02 -35.26 -30.85
C ARG B 156 -11.58 -34.43 -29.68
N LEU B 157 -11.97 -33.17 -29.93
CA LEU B 157 -12.67 -32.29 -28.94
C LEU B 157 -13.78 -33.07 -28.24
N HIS B 158 -14.80 -33.50 -28.99
CA HIS B 158 -15.96 -34.26 -28.42
C HIS B 158 -15.46 -35.45 -27.59
N ILE B 159 -14.52 -36.24 -28.11
CA ILE B 159 -14.05 -37.49 -27.43
C ILE B 159 -13.28 -37.12 -26.15
N THR B 160 -12.31 -36.19 -26.25
CA THR B 160 -11.45 -35.71 -25.14
C THR B 160 -12.28 -35.24 -23.95
N VAL B 161 -13.38 -34.52 -24.21
CA VAL B 161 -14.26 -33.90 -23.17
C VAL B 161 -15.22 -34.96 -22.60
N SER B 162 -15.70 -35.85 -23.48
CA SER B 162 -16.60 -37.00 -23.15
C SER B 162 -15.92 -37.90 -22.10
N LYS B 163 -14.66 -38.26 -22.38
CA LYS B 163 -13.74 -38.92 -21.42
C LYS B 163 -13.73 -38.10 -20.12
N ALA B 164 -13.03 -36.95 -20.09
CA ALA B 164 -12.75 -36.14 -18.89
C ALA B 164 -13.97 -36.05 -17.97
N TYR B 165 -15.17 -35.77 -18.52
CA TYR B 165 -16.45 -35.57 -17.79
C TYR B 165 -16.79 -36.79 -16.92
N LYS B 166 -16.60 -38.00 -17.49
CA LYS B 166 -16.79 -39.32 -16.84
C LYS B 166 -16.05 -39.32 -15.51
N VAL B 167 -14.75 -38.98 -15.56
CA VAL B 167 -13.79 -39.03 -14.41
C VAL B 167 -14.15 -37.93 -13.39
N ASN B 168 -14.43 -36.71 -13.84
CA ASN B 168 -14.62 -35.51 -12.97
C ASN B 168 -15.61 -34.52 -13.61
N PRO B 169 -16.93 -34.69 -13.37
CA PRO B 169 -17.92 -33.81 -14.01
C PRO B 169 -17.97 -32.37 -13.46
N ASP B 170 -17.22 -32.03 -12.40
CA ASP B 170 -17.15 -30.63 -11.88
C ASP B 170 -16.13 -29.82 -12.69
N MET B 171 -15.21 -30.47 -13.40
CA MET B 171 -14.27 -29.83 -14.36
C MET B 171 -15.00 -28.84 -15.29
N ASN B 172 -14.39 -27.70 -15.61
CA ASN B 172 -14.90 -26.72 -16.61
C ASN B 172 -14.24 -26.96 -17.97
N PHE B 173 -14.99 -26.81 -19.06
CA PHE B 173 -14.48 -27.13 -20.41
C PHE B 173 -14.44 -25.86 -21.25
N GLU B 174 -13.25 -25.54 -21.72
CA GLU B 174 -12.91 -24.24 -22.37
C GLU B 174 -12.41 -24.57 -23.77
N VAL B 175 -12.65 -23.67 -24.73
CA VAL B 175 -12.38 -23.98 -26.15
C VAL B 175 -11.78 -22.75 -26.81
N PHE B 176 -10.51 -22.82 -27.13
CA PHE B 176 -9.78 -21.68 -27.72
C PHE B 176 -9.82 -21.84 -29.25
N ILE B 177 -10.86 -21.24 -29.82
CA ILE B 177 -10.94 -21.02 -31.29
C ILE B 177 -9.76 -20.12 -31.65
N HIS B 178 -8.61 -20.73 -31.95
CA HIS B 178 -7.30 -20.03 -31.87
C HIS B 178 -6.90 -19.64 -33.29
N LYS B 179 -5.97 -18.69 -33.40
CA LYS B 179 -5.33 -18.15 -34.64
C LYS B 179 -6.31 -17.27 -35.46
N VAL B 180 -7.24 -16.58 -34.80
CA VAL B 180 -8.30 -15.81 -35.52
C VAL B 180 -7.68 -14.50 -36.05
N ASP B 181 -6.42 -14.19 -35.73
CA ASP B 181 -5.73 -12.99 -36.26
C ASP B 181 -5.45 -13.08 -37.77
N GLY B 182 -5.62 -14.26 -38.37
CA GLY B 182 -5.45 -14.49 -39.83
C GLY B 182 -6.76 -14.40 -40.59
N LEU B 183 -7.88 -14.27 -39.89
CA LEU B 183 -9.22 -14.13 -40.54
C LEU B 183 -9.58 -12.65 -40.68
N SER B 184 -10.56 -12.38 -41.55
CA SER B 184 -11.40 -11.16 -41.53
C SER B 184 -12.62 -11.45 -40.64
N ASP B 185 -13.30 -10.38 -40.19
CA ASP B 185 -14.31 -10.42 -39.11
C ASP B 185 -15.53 -11.23 -39.59
N ASP B 186 -15.93 -11.11 -40.86
CA ASP B 186 -16.95 -12.00 -41.48
C ASP B 186 -16.63 -13.45 -41.07
N HIS B 187 -15.38 -13.87 -41.30
CA HIS B 187 -14.96 -15.29 -41.23
C HIS B 187 -14.86 -15.73 -39.77
N LYS B 188 -14.32 -14.90 -38.86
CA LYS B 188 -14.32 -15.14 -37.37
C LYS B 188 -15.74 -15.49 -36.88
N ILE B 189 -16.73 -14.64 -37.20
CA ILE B 189 -18.11 -14.79 -36.65
C ILE B 189 -18.73 -16.06 -37.25
N GLU B 190 -18.55 -16.28 -38.56
CA GLU B 190 -19.05 -17.50 -39.27
C GLU B 190 -18.50 -18.72 -38.53
N THR B 191 -17.17 -18.76 -38.37
CA THR B 191 -16.37 -19.86 -37.78
C THR B 191 -16.84 -20.19 -36.36
N GLN B 192 -16.95 -19.14 -35.53
CA GLN B 192 -17.42 -19.27 -34.12
C GLN B 192 -18.85 -19.82 -34.11
N ARG B 193 -19.76 -19.21 -34.87
CA ARG B 193 -21.18 -19.68 -34.99
C ARG B 193 -21.17 -21.18 -35.31
N ASP B 194 -20.41 -21.56 -36.35
CA ASP B 194 -20.21 -22.97 -36.79
C ASP B 194 -19.64 -23.88 -35.69
N ILE B 195 -18.48 -23.53 -35.08
CA ILE B 195 -17.77 -24.45 -34.13
C ILE B 195 -18.64 -24.66 -32.88
N HIS B 196 -19.41 -23.64 -32.52
CA HIS B 196 -20.29 -23.53 -31.34
C HIS B 196 -21.51 -24.43 -31.58
N GLN B 197 -22.13 -24.25 -32.76
CA GLN B 197 -23.22 -25.09 -33.33
C GLN B 197 -22.90 -26.59 -33.20
N ARG B 198 -21.91 -27.08 -33.97
CA ARG B 198 -21.61 -28.52 -34.11
C ARG B 198 -21.13 -29.07 -32.77
N ALA B 199 -20.22 -28.34 -32.11
CA ALA B 199 -19.60 -28.78 -30.84
C ALA B 199 -20.72 -29.16 -29.87
N ASN B 200 -21.75 -28.31 -29.84
CA ASN B 200 -22.95 -28.38 -28.95
C ASN B 200 -23.96 -29.41 -29.48
N ASP B 201 -24.16 -29.45 -30.80
CA ASP B 201 -24.85 -30.58 -31.49
C ASP B 201 -24.21 -31.91 -31.05
N ASP B 202 -22.90 -32.10 -31.26
CA ASP B 202 -22.21 -33.41 -31.06
C ASP B 202 -22.42 -33.88 -29.61
N LEU B 203 -22.68 -32.94 -28.70
CA LEU B 203 -22.83 -33.19 -27.24
C LEU B 203 -24.28 -33.59 -26.91
N ALA B 204 -25.24 -33.07 -27.69
CA ALA B 204 -26.69 -33.39 -27.62
C ALA B 204 -26.89 -34.88 -27.94
N ASP B 205 -26.29 -35.32 -29.05
CA ASP B 205 -26.39 -36.70 -29.60
C ASP B 205 -25.96 -37.72 -28.55
N ALA B 206 -24.83 -37.52 -27.86
CA ALA B 206 -24.33 -38.46 -26.81
C ALA B 206 -25.14 -38.31 -25.52
N GLY B 207 -26.22 -37.52 -25.53
CA GLY B 207 -27.06 -37.27 -24.34
C GLY B 207 -26.28 -36.66 -23.18
N LEU B 208 -25.15 -36.01 -23.46
CA LEU B 208 -24.35 -35.26 -22.46
C LEU B 208 -24.92 -33.83 -22.40
N GLU B 209 -26.10 -33.70 -21.80
CA GLU B 209 -26.90 -32.44 -21.79
C GLU B 209 -26.19 -31.49 -20.82
N LYS B 210 -25.85 -32.01 -19.63
CA LYS B 210 -25.44 -31.23 -18.42
C LYS B 210 -23.92 -30.96 -18.42
N LEU B 211 -23.30 -30.85 -19.59
CA LEU B 211 -21.83 -30.66 -19.73
C LEU B 211 -21.58 -29.32 -20.45
N HIS B 212 -21.27 -28.26 -19.72
CA HIS B 212 -21.16 -26.91 -20.29
C HIS B 212 -19.85 -26.79 -21.05
N LEU B 213 -19.92 -26.25 -22.26
CA LEU B 213 -18.76 -25.73 -23.03
C LEU B 213 -18.82 -24.21 -23.03
N SER B 214 -17.70 -23.56 -22.73
CA SER B 214 -17.48 -22.12 -22.96
C SER B 214 -16.51 -22.00 -24.13
N PHE B 215 -16.66 -20.98 -24.97
CA PHE B 215 -15.84 -20.76 -26.19
C PHE B 215 -15.16 -19.41 -26.09
N TYR B 216 -14.11 -19.17 -26.87
CA TYR B 216 -13.28 -17.96 -26.79
C TYR B 216 -12.55 -17.77 -28.10
N LEU B 217 -12.42 -16.52 -28.53
CA LEU B 217 -11.61 -16.16 -29.70
C LEU B 217 -10.32 -15.62 -29.16
N THR B 218 -9.21 -16.26 -29.53
CA THR B 218 -7.86 -16.05 -28.93
C THR B 218 -6.85 -15.75 -30.02
N SER B 219 -5.71 -15.20 -29.65
CA SER B 219 -4.57 -14.98 -30.58
C SER B 219 -3.35 -14.53 -29.77
N ILE B 220 -2.22 -15.18 -30.04
CA ILE B 220 -0.93 -14.87 -29.39
C ILE B 220 -0.53 -13.46 -29.80
N TYR B 221 -1.08 -12.94 -30.91
CA TYR B 221 -0.76 -11.61 -31.47
C TYR B 221 -1.71 -10.54 -30.89
N ASP B 222 -2.73 -10.95 -30.14
CA ASP B 222 -3.76 -10.11 -29.46
C ASP B 222 -3.68 -10.28 -27.93
N HIS B 223 -4.59 -9.63 -27.19
CA HIS B 223 -4.75 -9.80 -25.72
CA HIS B 223 -4.75 -9.80 -25.72
C HIS B 223 -5.86 -10.81 -25.42
N SER B 224 -6.52 -11.31 -26.47
CA SER B 224 -7.62 -12.30 -26.34
C SER B 224 -7.14 -13.49 -25.52
N ILE B 225 -5.88 -13.92 -25.71
CA ILE B 225 -5.40 -15.14 -24.99
C ILE B 225 -5.40 -14.89 -23.47
N PHE B 226 -4.90 -13.72 -23.04
CA PHE B 226 -4.88 -13.21 -21.64
C PHE B 226 -6.30 -13.06 -21.10
N GLU B 227 -7.25 -12.47 -21.84
CA GLU B 227 -8.66 -12.31 -21.35
C GLU B 227 -9.26 -13.69 -21.16
N ALA B 228 -9.05 -14.59 -22.13
CA ALA B 228 -9.58 -15.97 -22.09
C ALA B 228 -9.02 -16.70 -20.86
N PHE B 229 -7.72 -16.60 -20.61
CA PHE B 229 -7.10 -17.24 -19.42
C PHE B 229 -7.62 -16.62 -18.12
N SER B 230 -7.81 -15.30 -18.12
CA SER B 230 -8.33 -14.57 -16.93
C SER B 230 -9.73 -15.13 -16.65
N LYS B 231 -10.55 -15.29 -17.70
CA LYS B 231 -11.93 -15.82 -17.53
C LYS B 231 -11.85 -17.27 -17.05
N VAL B 232 -10.97 -18.09 -17.65
CA VAL B 232 -10.81 -19.54 -17.28
C VAL B 232 -10.42 -19.60 -15.81
N VAL B 233 -9.36 -18.88 -15.43
CA VAL B 233 -8.82 -18.98 -14.04
C VAL B 233 -9.83 -18.42 -13.03
N GLN B 234 -10.58 -17.37 -13.35
CA GLN B 234 -11.46 -16.76 -12.30
C GLN B 234 -12.46 -17.81 -11.81
N LYS B 235 -12.87 -18.73 -12.68
CA LYS B 235 -13.87 -19.80 -12.39
C LYS B 235 -13.34 -20.79 -11.33
N LEU B 236 -12.03 -20.93 -11.18
CA LEU B 236 -11.41 -21.94 -10.27
C LEU B 236 -10.98 -21.32 -8.93
N ILE B 237 -11.26 -20.04 -8.67
CA ILE B 237 -10.91 -19.37 -7.38
C ILE B 237 -12.16 -19.26 -6.51
N PRO B 238 -12.35 -20.13 -5.49
CA PRO B 238 -13.55 -20.10 -4.66
C PRO B 238 -13.67 -18.81 -3.81
N GLN B 239 -12.52 -18.15 -3.58
CA GLN B 239 -12.36 -16.95 -2.73
C GLN B 239 -12.62 -15.65 -3.53
N LEU B 240 -12.96 -15.74 -4.81
CA LEU B 240 -13.19 -14.58 -5.71
C LEU B 240 -14.21 -13.59 -5.11
N PRO B 241 -15.37 -13.99 -4.55
CA PRO B 241 -16.29 -13.04 -3.95
C PRO B 241 -15.65 -12.18 -2.83
N THR B 242 -14.85 -12.83 -1.99
CA THR B 242 -14.03 -12.20 -0.93
C THR B 242 -13.01 -11.24 -1.56
N LEU B 243 -12.36 -11.64 -2.64
CA LEU B 243 -11.32 -10.78 -3.28
C LEU B 243 -12.02 -9.56 -3.85
N GLU B 244 -13.15 -9.73 -4.53
CA GLU B 244 -13.85 -8.62 -5.22
C GLU B 244 -14.31 -7.60 -4.14
N ASN B 245 -14.76 -8.10 -2.99
CA ASN B 245 -15.22 -7.27 -1.85
C ASN B 245 -14.04 -6.52 -1.26
N LEU B 246 -12.88 -7.15 -1.08
CA LEU B 246 -11.71 -6.44 -0.51
C LEU B 246 -11.28 -5.31 -1.45
N LEU B 247 -11.28 -5.54 -2.75
CA LEU B 247 -10.85 -4.50 -3.74
C LEU B 247 -11.86 -3.34 -3.70
N ASN B 248 -13.16 -3.65 -3.50
CA ASN B 248 -14.28 -2.66 -3.48
C ASN B 248 -14.15 -1.73 -2.27
N ILE B 249 -13.94 -2.33 -1.11
CA ILE B 249 -13.68 -1.55 0.12
C ILE B 249 -12.42 -0.70 -0.08
N PHE B 250 -11.34 -1.31 -0.56
CA PHE B 250 -10.08 -0.58 -0.83
C PHE B 250 -10.33 0.60 -1.77
N ILE B 251 -10.90 0.42 -2.96
CA ILE B 251 -10.89 1.50 -3.98
C ILE B 251 -11.92 2.60 -3.64
N SER B 252 -13.04 2.22 -3.08
CA SER B 252 -14.14 3.14 -2.69
C SER B 252 -13.64 4.07 -1.59
N ASN B 253 -12.91 3.52 -0.61
CA ASN B 253 -12.26 4.30 0.48
C ASN B 253 -10.98 4.99 -0.01
N SER B 254 -10.47 4.75 -1.23
CA SER B 254 -9.13 5.28 -1.60
C SER B 254 -9.18 6.15 -2.85
N GLY B 255 -10.35 6.48 -3.37
CA GLY B 255 -10.47 7.38 -4.53
C GLY B 255 -10.03 6.70 -5.82
N ILE B 256 -10.17 5.37 -5.93
CA ILE B 256 -9.60 4.63 -7.10
C ILE B 256 -10.74 4.16 -8.02
N GLU B 257 -10.57 4.34 -9.32
CA GLU B 257 -11.62 4.02 -10.33
C GLU B 257 -11.70 2.52 -10.47
N LYS B 258 -10.54 1.87 -10.66
CA LYS B 258 -10.45 0.42 -11.01
C LYS B 258 -9.18 -0.20 -10.41
N ALA B 259 -9.32 -1.41 -9.87
CA ALA B 259 -8.23 -2.25 -9.32
C ALA B 259 -8.31 -3.63 -9.93
N PHE B 260 -7.14 -4.14 -10.27
CA PHE B 260 -6.87 -5.48 -10.86
C PHE B 260 -5.90 -6.20 -9.91
N LEU B 261 -6.30 -7.33 -9.39
CA LEU B 261 -5.34 -8.27 -8.78
C LEU B 261 -4.78 -9.18 -9.88
N PHE B 262 -3.55 -8.94 -10.32
CA PHE B 262 -2.83 -9.70 -11.38
C PHE B 262 -1.89 -10.79 -10.82
N ASP B 263 -1.83 -11.94 -11.52
CA ASP B 263 -0.68 -12.90 -11.53
C ASP B 263 0.40 -12.28 -12.41
N VAL B 264 1.57 -12.02 -11.87
CA VAL B 264 2.60 -11.15 -12.49
C VAL B 264 3.25 -11.79 -13.74
N VAL B 265 3.51 -13.10 -13.76
CA VAL B 265 4.28 -13.71 -14.88
C VAL B 265 3.32 -13.78 -16.06
N SER B 266 2.13 -14.32 -15.79
CA SER B 266 1.08 -14.60 -16.77
C SER B 266 0.35 -13.33 -17.24
N LYS B 267 0.30 -12.28 -16.41
CA LYS B 267 -0.52 -11.05 -16.64
C LYS B 267 -2.00 -11.42 -16.73
N ILE B 268 -2.40 -12.45 -16.01
CA ILE B 268 -3.81 -12.89 -15.81
C ILE B 268 -4.36 -12.16 -14.59
N TYR B 269 -5.61 -11.70 -14.62
CA TYR B 269 -6.23 -11.05 -13.45
C TYR B 269 -7.13 -12.08 -12.77
N ILE B 270 -6.91 -12.28 -11.47
CA ILE B 270 -7.68 -13.28 -10.68
C ILE B 270 -8.86 -12.57 -10.00
N ALA B 271 -8.93 -11.24 -10.09
CA ALA B 271 -9.98 -10.45 -9.43
C ALA B 271 -9.83 -8.99 -9.83
N THR B 272 -10.94 -8.27 -9.77
CA THR B 272 -11.05 -6.81 -10.00
C THR B 272 -12.21 -6.30 -9.16
N ASP B 273 -12.28 -5.01 -8.88
CA ASP B 273 -13.46 -4.44 -8.17
C ASP B 273 -14.70 -4.57 -9.07
N SER B 274 -15.89 -4.25 -8.54
CA SER B 274 -17.21 -4.55 -9.13
C SER B 274 -17.50 -3.59 -10.28
N SER B 275 -16.76 -2.52 -10.49
CA SER B 275 -17.03 -1.63 -11.64
C SER B 275 -16.87 -2.47 -12.92
N PRO B 276 -17.62 -2.18 -13.98
CA PRO B 276 -17.44 -2.86 -15.26
C PRO B 276 -15.98 -2.78 -15.79
N VAL B 277 -15.47 -3.86 -16.38
CA VAL B 277 -14.09 -3.97 -16.92
C VAL B 277 -14.07 -3.55 -18.39
N ASP B 278 -13.42 -2.44 -18.71
CA ASP B 278 -13.03 -2.04 -20.09
C ASP B 278 -11.79 -2.84 -20.51
N MET B 279 -11.90 -3.71 -21.51
CA MET B 279 -10.78 -4.63 -21.91
C MET B 279 -9.56 -3.82 -22.37
N GLN B 280 -9.75 -2.60 -22.87
CA GLN B 280 -8.65 -1.66 -23.17
C GLN B 280 -7.89 -1.28 -21.87
N SER B 281 -8.57 -1.25 -20.73
CA SER B 281 -7.98 -0.93 -19.40
C SER B 281 -7.10 -2.10 -18.97
N TYR B 282 -7.65 -3.31 -19.06
CA TYR B 282 -6.93 -4.57 -18.75
C TYR B 282 -5.64 -4.61 -19.56
N GLU B 283 -5.77 -4.26 -20.83
CA GLU B 283 -4.70 -4.47 -21.82
C GLU B 283 -3.55 -3.51 -21.50
N LEU B 284 -3.86 -2.23 -21.28
CA LEU B 284 -2.89 -1.22 -20.82
C LEU B 284 -2.23 -1.72 -19.51
N CYS B 285 -2.97 -2.25 -18.55
CA CYS B 285 -2.40 -2.72 -17.27
C CYS B 285 -1.42 -3.88 -17.54
N CYS B 286 -1.79 -4.79 -18.43
CA CYS B 286 -0.87 -5.88 -18.88
C CYS B 286 0.42 -5.27 -19.45
N ASP B 287 0.30 -4.21 -20.26
CA ASP B 287 1.47 -3.59 -20.94
C ASP B 287 2.32 -2.85 -19.91
N MET B 288 1.73 -2.40 -18.79
CA MET B 288 2.47 -1.76 -17.67
C MET B 288 3.29 -2.87 -16.98
N ILE B 289 2.68 -4.00 -16.64
CA ILE B 289 3.39 -5.13 -16.00
C ILE B 289 4.61 -5.47 -16.85
N ASP B 290 4.47 -5.50 -18.17
CA ASP B 290 5.59 -5.81 -19.10
C ASP B 290 6.71 -4.80 -18.92
N VAL B 291 6.40 -3.50 -18.90
CA VAL B 291 7.49 -2.48 -18.86
C VAL B 291 8.22 -2.54 -17.50
N VAL B 292 7.44 -2.66 -16.43
CA VAL B 292 7.93 -2.76 -15.02
C VAL B 292 8.87 -3.96 -14.93
N ILE B 293 8.41 -5.14 -15.32
CA ILE B 293 9.20 -6.40 -15.24
C ILE B 293 10.42 -6.27 -16.16
N ASP B 294 10.27 -5.88 -17.41
CA ASP B 294 11.42 -5.82 -18.35
C ASP B 294 12.44 -4.78 -17.87
N VAL B 295 12.01 -3.66 -17.29
CA VAL B 295 12.98 -2.61 -16.84
C VAL B 295 13.67 -3.12 -15.56
N SER B 296 12.91 -3.78 -14.69
CA SER B 296 13.39 -4.52 -13.50
C SER B 296 14.40 -5.64 -13.88
N CYS B 297 14.17 -6.37 -14.96
CA CYS B 297 15.11 -7.44 -15.41
C CYS B 297 16.44 -6.84 -15.86
N ILE B 298 16.44 -5.62 -16.35
CA ILE B 298 17.69 -4.95 -16.78
C ILE B 298 18.40 -4.30 -15.57
N TYR B 299 17.71 -3.62 -14.66
CA TYR B 299 18.29 -2.79 -13.58
C TYR B 299 17.92 -3.38 -12.21
N GLY B 300 18.75 -3.16 -11.21
CA GLY B 300 18.48 -3.89 -9.95
C GLY B 300 18.12 -5.35 -10.21
N LEU B 301 19.11 -6.15 -10.56
CA LEU B 301 19.11 -7.62 -10.37
C LEU B 301 20.21 -7.97 -9.37
N LYS B 302 20.89 -6.96 -8.81
CA LYS B 302 22.06 -7.11 -7.90
C LYS B 302 23.33 -7.32 -8.72
N GLU B 303 24.49 -6.99 -8.13
CA GLU B 303 25.82 -6.89 -8.81
C GLU B 303 26.24 -8.24 -9.42
N ASP B 304 25.88 -9.38 -8.80
CA ASP B 304 26.06 -10.74 -9.40
C ASP B 304 25.06 -10.91 -10.56
N GLY B 305 25.29 -11.93 -11.40
CA GLY B 305 24.47 -12.22 -12.58
C GLY B 305 22.99 -11.92 -12.37
N SER B 306 22.45 -12.18 -11.17
CA SER B 306 20.98 -12.30 -10.93
C SER B 306 20.64 -12.25 -9.42
N GLY B 307 19.49 -11.63 -9.13
CA GLY B 307 18.58 -11.90 -7.99
C GLY B 307 17.17 -12.16 -8.54
N SER B 308 16.21 -11.25 -8.32
CA SER B 308 14.82 -11.33 -8.86
C SER B 308 14.24 -9.94 -9.16
N ALA B 309 13.65 -9.80 -10.34
CA ALA B 309 13.09 -8.55 -10.89
C ALA B 309 11.92 -8.08 -10.03
N TYR B 310 11.07 -9.01 -9.63
CA TYR B 310 9.88 -8.78 -8.79
C TYR B 310 10.16 -9.18 -7.34
N ASP B 311 10.15 -8.23 -6.43
CA ASP B 311 10.29 -8.49 -4.96
C ASP B 311 9.30 -7.60 -4.18
N LYS B 312 9.44 -7.57 -2.86
CA LYS B 312 8.35 -7.03 -1.99
C LYS B 312 8.35 -5.51 -2.07
N GLU B 313 9.30 -4.90 -2.79
CA GLU B 313 9.43 -3.43 -3.00
C GLU B 313 9.20 -3.03 -4.46
N SER B 314 8.86 -4.00 -5.31
CA SER B 314 8.42 -3.72 -6.70
C SER B 314 7.24 -2.74 -6.64
N MET B 315 7.36 -1.62 -7.30
CA MET B 315 6.30 -0.59 -7.35
C MET B 315 6.52 0.24 -8.63
N ALA B 316 5.44 0.73 -9.23
CA ALA B 316 5.58 1.64 -10.39
C ALA B 316 4.45 2.68 -10.32
N ILE B 317 4.73 3.85 -10.85
CA ILE B 317 3.74 4.95 -11.02
C ILE B 317 3.91 5.43 -12.47
N ILE B 318 2.84 5.32 -13.25
CA ILE B 318 2.78 5.85 -14.65
C ILE B 318 1.72 6.96 -14.69
N LYS B 319 2.15 8.14 -15.10
CA LYS B 319 1.28 9.33 -15.41
C LYS B 319 1.04 9.47 -16.92
N LEU B 320 -0.22 9.48 -17.34
CA LEU B 320 -0.68 9.73 -18.74
C LEU B 320 -1.21 11.15 -18.83
N ASN B 321 -0.99 11.82 -19.97
CA ASN B 321 -1.19 13.28 -20.22
C ASN B 321 -2.64 13.71 -19.98
N ASN B 322 -3.61 12.80 -20.00
CA ASN B 322 -5.00 13.15 -19.57
C ASN B 322 -5.18 13.09 -18.03
N THR B 323 -4.09 13.16 -17.25
CA THR B 323 -4.05 13.04 -15.77
C THR B 323 -4.46 11.65 -15.27
N THR B 324 -4.49 10.62 -16.11
CA THR B 324 -4.61 9.23 -15.58
C THR B 324 -3.32 8.76 -14.89
N VAL B 325 -3.48 7.98 -13.83
CA VAL B 325 -2.32 7.46 -13.07
C VAL B 325 -2.50 5.97 -13.03
N LEU B 326 -1.45 5.22 -13.36
CA LEU B 326 -1.46 3.78 -13.08
C LEU B 326 -0.48 3.49 -11.95
N TYR B 327 -0.90 2.69 -10.98
CA TYR B 327 -0.14 2.42 -9.74
C TYR B 327 -0.10 0.92 -9.44
N LEU B 328 1.09 0.33 -9.54
CA LEU B 328 1.35 -1.11 -9.26
C LEU B 328 2.10 -1.25 -7.93
N LYS B 329 1.62 -2.10 -7.05
CA LYS B 329 2.26 -2.43 -5.76
C LYS B 329 2.32 -3.95 -5.64
N GLU B 330 3.39 -4.49 -5.04
CA GLU B 330 3.52 -5.95 -4.74
C GLU B 330 2.47 -6.26 -3.70
N VAL B 331 1.77 -7.39 -3.86
CA VAL B 331 0.81 -7.96 -2.86
C VAL B 331 1.42 -9.27 -2.34
N THR B 332 1.65 -10.26 -3.21
CA THR B 332 2.36 -11.52 -2.87
C THR B 332 3.46 -11.82 -3.91
N LYS B 333 4.18 -12.92 -3.74
CA LYS B 333 5.32 -13.20 -4.67
C LYS B 333 4.77 -13.40 -6.09
N PHE B 334 3.51 -13.80 -6.24
CA PHE B 334 2.80 -14.01 -7.53
C PHE B 334 1.86 -12.83 -7.87
N LEU B 335 1.39 -12.07 -6.87
CA LEU B 335 0.27 -11.11 -7.03
C LEU B 335 0.75 -9.64 -6.95
N ALA B 336 0.51 -8.87 -8.01
CA ALA B 336 0.65 -7.41 -8.00
C ALA B 336 -0.75 -6.78 -8.11
N LEU B 337 -0.94 -5.62 -7.48
CA LEU B 337 -2.18 -4.79 -7.56
C LEU B 337 -1.87 -3.69 -8.55
N VAL B 338 -2.74 -3.51 -9.58
CA VAL B 338 -2.65 -2.36 -10.51
C VAL B 338 -3.96 -1.55 -10.44
N CYS B 339 -3.79 -0.26 -10.15
CA CYS B 339 -4.83 0.71 -9.78
C CYS B 339 -4.88 1.76 -10.88
N ILE B 340 -6.07 2.11 -11.29
CA ILE B 340 -6.30 3.22 -12.24
C ILE B 340 -7.00 4.31 -11.45
N LEU B 341 -6.48 5.52 -11.51
CA LEU B 341 -7.09 6.65 -10.82
C LEU B 341 -6.60 7.93 -11.49
N ARG B 342 -7.19 9.04 -11.09
CA ARG B 342 -6.89 10.40 -11.57
C ARG B 342 -5.88 11.02 -10.61
N GLU B 343 -5.01 11.88 -11.17
CA GLU B 343 -3.97 12.67 -10.49
C GLU B 343 -4.62 13.34 -9.28
N GLU B 344 -5.89 13.73 -9.42
CA GLU B 344 -6.63 14.39 -8.33
C GLU B 344 -6.77 13.41 -7.14
N SER B 345 -7.17 12.16 -7.32
CA SER B 345 -7.26 11.21 -6.18
C SER B 345 -5.85 10.91 -5.69
N PHE B 346 -4.87 10.96 -6.58
CA PHE B 346 -3.50 10.45 -6.30
C PHE B 346 -2.78 11.49 -5.45
N GLU B 347 -3.36 12.67 -5.32
CA GLU B 347 -2.91 13.73 -4.39
C GLU B 347 -2.98 13.20 -2.95
N ARG B 348 -3.85 12.21 -2.73
CA ARG B 348 -4.14 11.54 -1.44
C ARG B 348 -3.43 10.18 -1.39
N LYS B 349 -2.22 10.11 -1.95
CA LYS B 349 -1.41 8.87 -1.93
C LYS B 349 -1.29 8.35 -0.51
N GLY B 350 -1.13 9.25 0.45
CA GLY B 350 -0.87 8.80 1.83
C GLY B 350 -1.98 7.84 2.28
N LEU B 351 -3.23 8.22 2.06
CA LEU B 351 -4.44 7.44 2.42
C LEU B 351 -4.46 6.14 1.62
N ILE B 352 -4.18 6.26 0.33
CA ILE B 352 -4.07 5.10 -0.61
C ILE B 352 -3.04 4.18 0.03
N ASP B 353 -1.90 4.73 0.44
CA ASP B 353 -0.76 3.88 0.84
C ASP B 353 -1.13 3.13 2.13
N TYR B 354 -1.90 3.80 3.01
CA TYR B 354 -2.23 3.26 4.35
C TYR B 354 -3.34 2.22 4.19
N ASN B 355 -4.37 2.53 3.41
CA ASN B 355 -5.44 1.54 3.09
C ASN B 355 -4.85 0.34 2.33
N PHE B 356 -3.86 0.57 1.45
CA PHE B 356 -3.23 -0.51 0.67
C PHE B 356 -2.73 -1.60 1.62
N HIS B 357 -2.05 -1.21 2.69
CA HIS B 357 -1.43 -2.16 3.65
C HIS B 357 -2.50 -2.94 4.42
N CYS B 358 -3.67 -2.38 4.68
CA CYS B 358 -4.82 -3.20 5.20
C CYS B 358 -5.27 -4.19 4.14
N PHE B 359 -5.40 -3.77 2.87
CA PHE B 359 -5.86 -4.65 1.77
C PHE B 359 -4.86 -5.82 1.61
N ARG B 360 -3.56 -5.53 1.66
CA ARG B 360 -2.47 -6.52 1.48
C ARG B 360 -2.49 -7.58 2.60
N LYS B 361 -2.67 -7.14 3.84
CA LYS B 361 -2.74 -8.05 5.01
C LYS B 361 -3.95 -8.96 4.81
N ALA B 362 -5.10 -8.38 4.52
CA ALA B 362 -6.37 -9.12 4.30
C ALA B 362 -6.14 -10.21 3.24
N ILE B 363 -5.44 -9.89 2.16
CA ILE B 363 -5.20 -10.81 1.01
C ILE B 363 -4.29 -11.93 1.50
N HIS B 364 -3.33 -11.60 2.37
CA HIS B 364 -2.44 -12.61 3.03
C HIS B 364 -3.30 -13.56 3.86
N GLU B 365 -4.28 -13.03 4.60
CA GLU B 365 -5.20 -13.82 5.47
C GLU B 365 -6.07 -14.73 4.59
N VAL B 366 -6.61 -14.20 3.51
CA VAL B 366 -7.37 -14.99 2.49
C VAL B 366 -6.57 -16.25 2.14
N PHE B 367 -5.32 -16.12 1.71
CA PHE B 367 -4.53 -17.24 1.13
C PHE B 367 -3.61 -17.91 2.16
N GLU B 368 -3.87 -17.77 3.47
CA GLU B 368 -2.96 -18.14 4.60
C GLU B 368 -1.49 -18.17 4.14
N VAL B 369 -0.97 -17.06 3.59
CA VAL B 369 0.45 -16.93 3.15
C VAL B 369 1.33 -16.75 4.40
N THR C 4 -9.87 33.83 5.01
CA THR C 4 -9.07 33.30 3.85
C THR C 4 -8.90 31.78 4.01
N ALA C 5 -9.85 31.11 4.69
CA ALA C 5 -9.88 29.66 5.00
C ALA C 5 -11.13 29.03 4.37
N MET C 6 -10.94 27.94 3.61
CA MET C 6 -12.00 27.01 3.16
C MET C 6 -12.98 26.74 4.32
N LYS C 7 -14.24 27.15 4.15
CA LYS C 7 -15.39 26.80 5.01
C LYS C 7 -16.05 25.56 4.41
N LYS C 8 -16.08 24.42 5.11
CA LYS C 8 -16.58 23.15 4.53
C LYS C 8 -17.66 22.55 5.42
N LYS C 9 -18.85 22.39 4.85
CA LYS C 9 -20.08 21.92 5.54
C LYS C 9 -20.14 20.39 5.51
N VAL C 10 -20.43 19.79 6.66
CA VAL C 10 -20.43 18.33 6.92
C VAL C 10 -21.75 17.95 7.62
N LEU C 11 -22.68 17.33 6.89
CA LEU C 11 -23.90 16.73 7.49
C LEU C 11 -23.49 15.45 8.20
N LEU C 12 -24.02 15.28 9.41
CA LEU C 12 -23.93 14.03 10.16
C LEU C 12 -25.39 13.67 10.44
N MET C 13 -25.86 12.55 9.87
CA MET C 13 -27.29 12.17 9.87
C MET C 13 -27.40 10.65 10.08
N GLY C 14 -28.55 10.21 10.58
CA GLY C 14 -28.79 8.82 11.00
C GLY C 14 -29.92 8.77 12.03
N LYS C 15 -30.42 7.60 12.35
CA LYS C 15 -31.65 7.49 13.15
C LYS C 15 -31.27 7.88 14.59
N SER C 16 -32.25 8.24 15.41
CA SER C 16 -32.10 8.55 16.86
C SER C 16 -31.31 7.44 17.56
N GLY C 17 -30.41 7.77 18.47
CA GLY C 17 -29.69 6.74 19.24
C GLY C 17 -28.73 5.89 18.42
N SER C 18 -28.42 6.30 17.18
CA SER C 18 -27.44 5.62 16.29
C SER C 18 -26.02 5.99 16.75
N GLY C 19 -25.78 7.24 17.16
CA GLY C 19 -24.55 7.61 17.93
C GLY C 19 -23.79 8.78 17.34
N LYS C 20 -24.48 9.60 16.58
CA LYS C 20 -23.93 10.78 15.88
C LYS C 20 -23.27 11.71 16.91
N THR C 21 -24.01 12.13 17.94
CA THR C 21 -23.51 13.11 18.92
C THR C 21 -22.43 12.43 19.78
N SER C 22 -22.53 11.13 20.07
CA SER C 22 -21.47 10.38 20.79
C SER C 22 -20.15 10.49 20.04
N MET C 23 -20.17 10.29 18.72
CA MET C 23 -18.94 10.42 17.92
C MET C 23 -18.43 11.84 18.05
N ARG C 24 -19.28 12.82 17.71
CA ARG C 24 -18.86 14.24 17.66
C ARG C 24 -18.13 14.65 18.95
N SER C 25 -18.69 14.29 20.11
CA SER C 25 -18.23 14.74 21.44
C SER C 25 -16.84 14.14 21.71
N ILE C 26 -16.62 12.88 21.30
CA ILE C 26 -15.30 12.20 21.41
C ILE C 26 -14.28 12.87 20.48
N ILE C 27 -14.60 13.05 19.22
CA ILE C 27 -13.57 13.51 18.24
C ILE C 27 -13.27 14.98 18.49
N PHE C 28 -14.30 15.83 18.60
CA PHE C 28 -14.21 17.31 18.50
C PHE C 28 -14.40 18.03 19.85
N ALA C 29 -14.56 17.33 20.97
CA ALA C 29 -14.85 18.02 22.26
C ALA C 29 -14.62 17.11 23.48
N ASN C 30 -13.53 16.36 23.53
CA ASN C 30 -12.88 15.97 24.81
C ASN C 30 -13.69 14.95 25.60
N TYR C 31 -14.80 14.41 25.09
CA TYR C 31 -15.49 13.29 25.77
C TYR C 31 -14.69 12.00 25.59
N ILE C 32 -14.80 11.10 26.56
CA ILE C 32 -14.48 9.63 26.49
C ILE C 32 -15.81 8.87 26.27
N ALA C 33 -15.73 7.55 26.07
CA ALA C 33 -16.87 6.72 25.60
C ALA C 33 -18.01 6.71 26.63
N ARG C 34 -17.70 6.46 27.91
CA ARG C 34 -18.71 6.28 28.99
C ARG C 34 -19.52 7.58 29.15
N ASP C 35 -18.89 8.74 28.97
CA ASP C 35 -19.54 10.06 29.18
C ASP C 35 -20.63 10.31 28.14
N THR C 36 -20.72 9.49 27.08
CA THR C 36 -21.68 9.68 25.95
C THR C 36 -23.03 9.07 26.32
N ARG C 37 -23.06 8.12 27.27
CA ARG C 37 -24.30 7.51 27.84
C ARG C 37 -25.27 8.64 28.25
N ARG C 38 -24.78 9.65 28.98
CA ARG C 38 -25.56 10.76 29.61
C ARG C 38 -25.78 11.91 28.62
N LEU C 39 -26.39 11.64 27.45
CA LEU C 39 -26.48 12.60 26.31
C LEU C 39 -27.93 12.85 25.89
N GLY C 40 -28.26 14.10 25.60
CA GLY C 40 -29.63 14.45 25.20
C GLY C 40 -29.91 14.04 23.76
N ALA C 41 -31.04 13.37 23.49
CA ALA C 41 -31.59 13.35 22.12
C ALA C 41 -31.47 14.77 21.57
N THR C 42 -30.79 14.93 20.43
CA THR C 42 -30.37 16.23 19.84
C THR C 42 -31.59 16.89 19.17
N ILE C 43 -31.74 18.21 19.31
CA ILE C 43 -32.95 18.99 18.91
C ILE C 43 -32.67 19.72 17.60
N ASP C 44 -33.22 19.24 16.49
CA ASP C 44 -32.91 19.76 15.13
C ASP C 44 -31.38 19.63 14.97
N VAL C 45 -30.74 20.66 14.39
CA VAL C 45 -29.32 20.75 13.97
C VAL C 45 -28.52 21.51 15.06
N GLU C 46 -27.71 20.80 15.84
CA GLU C 46 -26.62 21.35 16.69
C GLU C 46 -25.43 21.71 15.80
N HIS C 47 -25.32 22.97 15.37
CA HIS C 47 -24.13 23.49 14.64
C HIS C 47 -22.92 23.48 15.58
N SER C 48 -21.74 23.72 15.02
CA SER C 48 -20.44 23.38 15.67
C SER C 48 -19.30 23.65 14.67
N HIS C 49 -18.74 24.87 14.70
CA HIS C 49 -17.53 25.34 13.97
C HIS C 49 -16.31 24.71 14.64
N VAL C 50 -15.42 24.09 13.84
CA VAL C 50 -14.10 23.56 14.30
C VAL C 50 -13.01 24.17 13.42
N ARG C 51 -12.16 24.98 14.03
CA ARG C 51 -10.90 25.47 13.42
C ARG C 51 -10.00 24.24 13.29
N PHE C 52 -9.68 23.83 12.07
CA PHE C 52 -8.79 22.69 11.76
C PHE C 52 -7.64 23.22 10.90
N LEU C 53 -6.44 23.35 11.46
CA LEU C 53 -5.21 23.73 10.70
C LEU C 53 -5.24 25.13 10.06
N GLY C 54 -6.13 26.04 10.44
CA GLY C 54 -5.98 27.45 10.04
C GLY C 54 -6.41 27.75 8.60
N ASN C 55 -6.28 26.82 7.65
CA ASN C 55 -6.79 26.99 6.27
C ASN C 55 -8.09 26.16 6.08
N LEU C 56 -8.59 25.52 7.15
CA LEU C 56 -9.83 24.69 7.10
C LEU C 56 -10.71 24.87 8.34
N VAL C 57 -11.95 25.30 8.10
CA VAL C 57 -13.06 25.32 9.11
C VAL C 57 -14.03 24.16 8.78
N LEU C 58 -14.37 23.32 9.76
CA LEU C 58 -15.46 22.31 9.62
C LEU C 58 -16.77 22.83 10.27
N ASN C 59 -17.81 23.11 9.45
CA ASN C 59 -19.21 23.31 9.89
C ASN C 59 -19.89 21.96 10.03
N LEU C 60 -19.80 21.35 11.20
CA LEU C 60 -20.49 20.07 11.52
C LEU C 60 -21.95 20.42 11.86
N TRP C 61 -22.86 19.85 11.09
CA TRP C 61 -24.32 19.95 11.33
C TRP C 61 -24.76 18.62 11.91
N ASP C 62 -24.76 18.47 13.22
CA ASP C 62 -25.21 17.19 13.82
C ASP C 62 -26.73 17.19 13.78
N CYS C 63 -27.31 16.53 12.80
CA CYS C 63 -28.77 16.55 12.58
C CYS C 63 -29.52 15.56 13.48
N GLY C 64 -30.42 16.06 14.32
CA GLY C 64 -31.27 15.19 15.15
C GLY C 64 -31.99 14.22 14.24
N GLY C 65 -32.02 12.95 14.64
CA GLY C 65 -32.54 11.87 13.78
C GLY C 65 -33.90 11.34 14.21
N LEU C 66 -34.58 12.01 15.16
CA LEU C 66 -35.99 11.71 15.51
C LEU C 66 -36.83 11.89 14.25
N ASP C 67 -37.67 10.91 13.92
CA ASP C 67 -38.52 10.88 12.70
C ASP C 67 -39.04 12.29 12.35
N THR C 68 -39.41 13.09 13.36
CA THR C 68 -40.06 14.43 13.24
C THR C 68 -39.08 15.49 12.71
N PHE C 69 -37.79 15.39 13.04
CA PHE C 69 -36.77 16.35 12.57
C PHE C 69 -36.38 15.99 11.14
N MET C 70 -36.49 14.71 10.79
CA MET C 70 -36.13 14.16 9.45
C MET C 70 -37.19 14.55 8.43
N GLU C 71 -38.49 14.53 8.80
CA GLU C 71 -39.60 15.03 7.93
C GLU C 71 -39.33 16.50 7.67
N ASN C 72 -38.86 17.19 8.70
CA ASN C 72 -38.44 18.60 8.58
C ASN C 72 -37.39 18.75 7.49
N TYR C 73 -36.31 17.96 7.57
CA TYR C 73 -35.15 18.07 6.66
C TYR C 73 -35.64 17.86 5.22
N PHE C 74 -36.53 16.89 5.00
CA PHE C 74 -36.95 16.53 3.62
C PHE C 74 -37.85 17.62 3.02
N THR C 75 -38.68 18.26 3.82
CA THR C 75 -39.74 19.19 3.37
C THR C 75 -39.26 20.63 3.54
N SER C 76 -39.50 21.24 4.71
CA SER C 76 -39.37 22.70 4.96
C SER C 76 -37.89 23.13 4.89
N GLN C 77 -37.01 22.38 5.55
CA GLN C 77 -35.55 22.70 5.69
C GLN C 77 -34.71 22.17 4.52
N ARG C 78 -35.30 21.58 3.48
CA ARG C 78 -34.56 20.86 2.40
C ARG C 78 -33.33 21.66 1.97
N ASP C 79 -33.54 22.88 1.48
CA ASP C 79 -32.49 23.73 0.86
C ASP C 79 -31.47 24.16 1.90
N ASN C 80 -31.90 24.35 3.15
CA ASN C 80 -31.00 24.80 4.24
C ASN C 80 -30.07 23.63 4.60
N ILE C 81 -30.58 22.40 4.62
CA ILE C 81 -29.80 21.19 5.05
C ILE C 81 -28.88 20.71 3.92
N PHE C 82 -29.35 20.66 2.66
CA PHE C 82 -28.73 19.83 1.60
C PHE C 82 -28.03 20.66 0.52
N ARG C 83 -27.90 21.98 0.70
CA ARG C 83 -27.17 22.84 -0.27
C ARG C 83 -25.78 23.06 0.30
N ASN C 84 -24.79 23.22 -0.59
CA ASN C 84 -23.38 23.59 -0.27
C ASN C 84 -22.75 22.52 0.64
N VAL C 85 -23.18 21.25 0.48
CA VAL C 85 -22.71 20.09 1.29
C VAL C 85 -21.43 19.53 0.66
N GLU C 86 -20.34 19.51 1.42
CA GLU C 86 -19.03 18.90 1.06
C GLU C 86 -19.02 17.41 1.39
N VAL C 87 -19.70 17.01 2.46
CA VAL C 87 -19.64 15.62 3.02
C VAL C 87 -20.94 15.29 3.74
N LEU C 88 -21.53 14.14 3.40
CA LEU C 88 -22.59 13.50 4.21
C LEU C 88 -21.97 12.31 4.93
N ILE C 89 -21.91 12.38 6.25
CA ILE C 89 -21.54 11.26 7.14
C ILE C 89 -22.84 10.70 7.65
N TYR C 90 -23.15 9.46 7.29
CA TYR C 90 -24.44 8.85 7.63
C TYR C 90 -24.12 7.70 8.56
N VAL C 91 -24.85 7.64 9.68
CA VAL C 91 -24.63 6.62 10.74
C VAL C 91 -25.82 5.66 10.79
N PHE C 92 -25.48 4.38 10.79
CA PHE C 92 -26.44 3.26 10.93
C PHE C 92 -26.10 2.57 12.23
N ASP C 93 -27.13 2.25 12.99
CA ASP C 93 -27.01 1.40 14.19
C ASP C 93 -26.92 -0.04 13.73
N VAL C 94 -25.78 -0.72 13.87
CA VAL C 94 -25.64 -2.15 13.45
C VAL C 94 -26.65 -3.05 14.18
N GLU C 95 -27.18 -2.61 15.33
CA GLU C 95 -28.00 -3.43 16.26
C GLU C 95 -29.47 -3.26 15.87
N SER C 96 -29.81 -2.21 15.10
CA SER C 96 -31.17 -1.90 14.60
C SER C 96 -31.80 -3.10 13.91
N ARG C 97 -33.09 -3.33 14.18
CA ARG C 97 -33.86 -4.47 13.60
C ARG C 97 -34.84 -3.92 12.53
N GLU C 98 -35.07 -2.59 12.51
CA GLU C 98 -35.79 -1.88 11.41
C GLU C 98 -34.85 -1.41 10.29
N LEU C 99 -34.24 -2.38 9.59
CA LEU C 99 -33.34 -2.11 8.44
CA LEU C 99 -33.37 -2.18 8.39
C LEU C 99 -34.15 -1.41 7.32
N GLU C 100 -35.28 -1.98 6.92
CA GLU C 100 -36.14 -1.38 5.86
C GLU C 100 -36.35 0.10 6.19
N LYS C 101 -36.89 0.46 7.36
CA LYS C 101 -37.22 1.89 7.68
C LYS C 101 -35.95 2.78 7.72
N ASP C 102 -34.83 2.26 8.19
CA ASP C 102 -33.55 3.00 8.22
C ASP C 102 -33.19 3.33 6.77
N MET C 103 -33.47 2.41 5.84
CA MET C 103 -32.96 2.53 4.44
C MET C 103 -33.80 3.55 3.67
N HIS C 104 -35.07 3.72 4.05
CA HIS C 104 -35.98 4.72 3.46
C HIS C 104 -35.50 6.11 3.86
N TYR C 105 -35.11 6.28 5.12
CA TYR C 105 -34.62 7.58 5.63
C TYR C 105 -33.28 7.92 4.96
N TYR C 106 -32.36 6.95 4.93
CA TYR C 106 -31.05 7.09 4.24
C TYR C 106 -31.29 7.48 2.76
N GLN C 107 -32.15 6.74 2.07
CA GLN C 107 -32.47 7.01 0.65
C GLN C 107 -33.05 8.42 0.51
N SER C 108 -33.96 8.83 1.39
CA SER C 108 -34.52 10.22 1.38
C SER C 108 -33.38 11.25 1.48
N CYS C 109 -32.35 10.96 2.29
CA CYS C 109 -31.17 11.85 2.44
C CYS C 109 -30.36 11.87 1.15
N LEU C 110 -30.05 10.72 0.55
CA LEU C 110 -29.31 10.66 -0.75
C LEU C 110 -30.10 11.38 -1.85
N GLU C 111 -31.45 11.31 -1.82
CA GLU C 111 -32.29 11.94 -2.89
C GLU C 111 -32.11 13.45 -2.81
N ALA C 112 -32.23 14.00 -1.61
CA ALA C 112 -32.06 15.44 -1.34
C ALA C 112 -30.62 15.85 -1.63
N ILE C 113 -29.62 14.98 -1.36
CA ILE C 113 -28.17 15.25 -1.66
C ILE C 113 -27.97 15.28 -3.17
N LEU C 114 -28.51 14.34 -3.93
CA LEU C 114 -28.32 14.29 -5.41
C LEU C 114 -28.95 15.55 -6.04
N GLN C 115 -30.02 16.11 -5.46
CA GLN C 115 -30.75 17.28 -6.03
C GLN C 115 -30.01 18.58 -5.70
N ASN C 116 -29.40 18.67 -4.51
CA ASN C 116 -28.91 19.96 -3.93
C ASN C 116 -27.37 20.03 -3.87
N SER C 117 -26.66 18.92 -3.58
CA SER C 117 -25.17 18.86 -3.45
C SER C 117 -24.63 17.62 -4.16
N PRO C 118 -24.82 17.50 -5.49
CA PRO C 118 -24.47 16.29 -6.24
C PRO C 118 -23.05 15.75 -5.97
N ASP C 119 -22.09 16.62 -5.72
CA ASP C 119 -20.66 16.27 -5.66
C ASP C 119 -20.25 16.02 -4.20
N ALA C 120 -21.21 15.89 -3.27
CA ALA C 120 -20.89 15.63 -1.84
C ALA C 120 -20.23 14.26 -1.74
N LYS C 121 -19.12 14.13 -0.99
CA LYS C 121 -18.56 12.81 -0.62
C LYS C 121 -19.51 12.21 0.40
N ILE C 122 -19.77 10.90 0.33
CA ILE C 122 -20.76 10.22 1.21
C ILE C 122 -20.06 9.06 1.91
N PHE C 123 -19.98 9.13 3.24
CA PHE C 123 -19.37 8.12 4.12
C PHE C 123 -20.49 7.50 4.95
N CYS C 124 -20.49 6.19 5.07
CA CYS C 124 -21.51 5.41 5.77
C CYS C 124 -20.80 4.66 6.88
N LEU C 125 -21.24 4.80 8.11
CA LEU C 125 -20.51 4.21 9.26
C LEU C 125 -21.43 3.11 9.80
N VAL C 126 -20.99 1.88 9.72
CA VAL C 126 -21.72 0.76 10.37
C VAL C 126 -21.26 0.71 11.83
N HIS C 127 -22.00 1.38 12.69
CA HIS C 127 -21.60 1.79 14.06
C HIS C 127 -22.11 0.82 15.12
N LYS C 128 -21.46 0.84 16.27
CA LYS C 128 -21.68 0.00 17.48
C LYS C 128 -21.19 -1.42 17.20
N MET C 129 -20.15 -1.58 16.38
CA MET C 129 -19.66 -2.95 16.05
C MET C 129 -19.21 -3.67 17.35
N ASP C 130 -19.07 -2.96 18.49
CA ASP C 130 -18.81 -3.58 19.82
C ASP C 130 -19.89 -4.65 20.11
N LEU C 131 -21.15 -4.40 19.73
CA LEU C 131 -22.31 -5.27 20.07
C LEU C 131 -22.33 -6.56 19.25
N VAL C 132 -21.44 -6.73 18.29
CA VAL C 132 -21.38 -7.95 17.42
C VAL C 132 -20.22 -8.81 17.92
N GLN C 133 -20.36 -10.13 17.94
CA GLN C 133 -19.26 -11.07 18.33
C GLN C 133 -17.99 -10.73 17.55
N GLU C 134 -16.83 -10.73 18.21
CA GLU C 134 -15.51 -10.37 17.64
C GLU C 134 -15.32 -11.07 16.29
N ASP C 135 -15.69 -12.36 16.20
CA ASP C 135 -15.32 -13.22 15.05
C ASP C 135 -16.34 -13.07 13.91
N GLN C 136 -17.44 -12.34 14.12
CA GLN C 136 -18.51 -12.11 13.10
C GLN C 136 -18.41 -10.68 12.54
N ARG C 137 -17.46 -9.87 12.99
CA ARG C 137 -17.50 -8.40 12.80
C ARG C 137 -17.20 -8.04 11.34
N ASP C 138 -16.17 -8.65 10.77
CA ASP C 138 -15.74 -8.37 9.39
C ASP C 138 -16.82 -8.84 8.43
N LEU C 139 -17.41 -10.00 8.68
CA LEU C 139 -18.42 -10.59 7.77
C LEU C 139 -19.64 -9.67 7.78
N ILE C 140 -20.09 -9.24 8.97
CA ILE C 140 -21.31 -8.39 9.09
C ILE C 140 -21.04 -7.09 8.33
N PHE C 141 -19.84 -6.52 8.53
CA PHE C 141 -19.41 -5.25 7.90
C PHE C 141 -19.53 -5.38 6.38
N LYS C 142 -19.01 -6.48 5.82
CA LYS C 142 -18.80 -6.66 4.36
C LYS C 142 -20.16 -6.88 3.70
N GLU C 143 -21.05 -7.58 4.39
CA GLU C 143 -22.45 -7.73 3.93
C GLU C 143 -23.09 -6.34 3.83
N ARG C 144 -22.93 -5.50 4.86
CA ARG C 144 -23.61 -4.18 4.96
C ARG C 144 -22.99 -3.24 3.95
N GLU C 145 -21.68 -3.35 3.72
CA GLU C 145 -20.98 -2.41 2.83
C GLU C 145 -21.49 -2.68 1.41
N GLU C 146 -21.65 -3.96 1.03
CA GLU C 146 -22.19 -4.36 -0.30
C GLU C 146 -23.64 -3.88 -0.40
N ASP C 147 -24.45 -4.10 0.61
CA ASP C 147 -25.84 -3.57 0.62
C ASP C 147 -25.80 -2.07 0.32
N LEU C 148 -24.89 -1.35 0.97
CA LEU C 148 -24.90 0.13 0.94
C LEU C 148 -24.47 0.61 -0.44
N ARG C 149 -23.53 -0.07 -1.09
CA ARG C 149 -23.11 0.22 -2.49
C ARG C 149 -24.35 0.20 -3.39
N ARG C 150 -25.15 -0.85 -3.30
CA ARG C 150 -26.37 -1.07 -4.12
C ARG C 150 -27.47 -0.09 -3.67
N LEU C 151 -27.76 -0.04 -2.36
CA LEU C 151 -28.84 0.77 -1.76
C LEU C 151 -28.58 2.27 -2.02
N SER C 152 -27.37 2.66 -2.45
CA SER C 152 -27.03 4.08 -2.77
C SER C 152 -27.06 4.41 -4.26
N ARG C 153 -27.55 3.53 -5.17
CA ARG C 153 -26.93 3.05 -6.45
C ARG C 153 -26.47 4.23 -7.31
N PRO C 154 -27.28 5.31 -7.51
CA PRO C 154 -26.81 6.38 -8.41
C PRO C 154 -25.56 7.00 -7.73
N LEU C 155 -25.64 7.26 -6.42
CA LEU C 155 -24.54 7.85 -5.63
C LEU C 155 -23.55 6.78 -5.17
N GLU C 156 -22.31 7.20 -4.99
CA GLU C 156 -21.17 6.40 -4.51
C GLU C 156 -20.94 6.72 -3.06
N CYS C 157 -20.65 5.71 -2.26
CA CYS C 157 -20.37 5.88 -0.84
C CYS C 157 -19.11 5.09 -0.48
N ALA C 158 -18.48 5.48 0.61
CA ALA C 158 -17.43 4.69 1.29
C ALA C 158 -17.89 4.39 2.72
N CYS C 159 -17.60 3.19 3.16
CA CYS C 159 -18.13 2.56 4.38
C CYS C 159 -17.00 2.19 5.34
N PHE C 160 -17.25 2.43 6.62
CA PHE C 160 -16.39 2.02 7.74
C PHE C 160 -17.22 1.27 8.76
N ARG C 161 -16.57 0.28 9.39
CA ARG C 161 -17.04 -0.28 10.67
C ARG C 161 -16.42 0.57 11.77
N THR C 162 -17.25 1.06 12.71
CA THR C 162 -16.87 1.98 13.80
C THR C 162 -17.55 1.54 15.11
N SER C 163 -16.87 1.77 16.23
CA SER C 163 -17.42 1.72 17.60
C SER C 163 -16.73 2.82 18.38
N ILE C 164 -17.39 3.41 19.39
CA ILE C 164 -16.74 4.40 20.30
C ILE C 164 -15.89 3.70 21.37
N TRP C 165 -15.96 2.37 21.46
CA TRP C 165 -15.18 1.55 22.42
C TRP C 165 -13.91 0.99 21.79
N ASP C 166 -13.39 1.59 20.71
CA ASP C 166 -12.09 1.12 20.13
C ASP C 166 -11.58 2.16 19.12
N GLU C 167 -10.40 1.90 18.57
CA GLU C 167 -9.69 2.84 17.67
C GLU C 167 -10.37 2.97 16.29
N THR C 168 -11.30 2.07 15.92
CA THR C 168 -11.94 2.15 14.58
C THR C 168 -12.64 3.50 14.41
N LEU C 169 -13.14 4.12 15.48
CA LEU C 169 -13.80 5.44 15.33
C LEU C 169 -12.81 6.43 14.70
N TYR C 170 -11.54 6.40 15.13
CA TYR C 170 -10.46 7.29 14.66
C TYR C 170 -10.11 7.01 13.18
N LYS C 171 -10.00 5.75 12.78
CA LYS C 171 -9.77 5.41 11.35
C LYS C 171 -10.81 6.17 10.51
N ALA C 172 -12.06 6.08 10.93
CA ALA C 172 -13.18 6.62 10.16
C ALA C 172 -12.96 8.12 10.01
N TRP C 173 -12.76 8.83 11.12
CA TRP C 173 -12.87 10.31 11.15
C TRP C 173 -11.60 10.98 10.59
N SER C 174 -10.44 10.39 10.89
CA SER C 174 -9.16 10.66 10.18
C SER C 174 -9.33 10.63 8.64
N SER C 175 -9.85 9.54 8.11
CA SER C 175 -10.01 9.31 6.65
C SER C 175 -11.01 10.33 6.12
N ILE C 176 -12.06 10.62 6.87
CA ILE C 176 -13.05 11.59 6.34
C ILE C 176 -12.35 12.96 6.29
N VAL C 177 -11.78 13.41 7.41
CA VAL C 177 -11.31 14.83 7.55
C VAL C 177 -10.10 14.96 6.63
N TYR C 178 -9.32 13.88 6.46
CA TYR C 178 -8.15 13.91 5.55
C TYR C 178 -8.59 14.38 4.15
N GLN C 179 -9.83 14.11 3.75
CA GLN C 179 -10.31 14.32 2.37
C GLN C 179 -10.80 15.74 2.27
N LEU C 180 -10.73 16.48 3.37
CA LEU C 180 -11.16 17.89 3.40
C LEU C 180 -9.96 18.80 3.58
N ILE C 181 -8.77 18.26 3.88
CA ILE C 181 -7.53 19.09 4.02
C ILE C 181 -7.09 19.67 2.67
N PRO C 182 -7.01 21.01 2.51
CA PRO C 182 -6.68 21.60 1.20
C PRO C 182 -5.46 21.06 0.43
N ASN C 183 -4.23 21.28 0.87
CA ASN C 183 -3.06 21.01 -0.02
C ASN C 183 -2.32 19.82 0.56
N VAL C 184 -3.03 18.70 0.64
CA VAL C 184 -2.62 17.44 1.32
C VAL C 184 -1.38 16.87 0.63
N GLN C 185 -1.29 16.98 -0.70
CA GLN C 185 -0.10 16.52 -1.49
C GLN C 185 1.16 17.25 -0.97
N GLN C 186 1.10 18.59 -0.86
CA GLN C 186 2.23 19.44 -0.40
C GLN C 186 2.64 19.03 1.02
N LEU C 187 1.67 18.97 1.90
CA LEU C 187 1.89 18.48 3.28
C LEU C 187 2.68 17.16 3.23
N GLU C 188 2.25 16.17 2.41
CA GLU C 188 2.82 14.79 2.39
C GLU C 188 4.16 14.75 1.65
N MET C 189 4.42 15.68 0.73
CA MET C 189 5.75 15.82 0.06
C MET C 189 6.73 16.44 1.06
N ASN C 190 6.30 17.48 1.76
CA ASN C 190 7.13 18.18 2.79
C ASN C 190 7.49 17.16 3.88
N LEU C 191 6.53 16.42 4.41
CA LEU C 191 6.73 15.38 5.45
C LEU C 191 7.64 14.24 4.97
N ARG C 192 7.38 13.68 3.81
CA ARG C 192 8.30 12.67 3.19
C ARG C 192 9.75 13.20 3.27
N ASN C 193 9.97 14.43 2.84
CA ASN C 193 11.29 15.07 2.72
C ASN C 193 11.95 15.19 4.11
N PHE C 194 11.21 15.77 5.06
CA PHE C 194 11.55 15.84 6.51
C PHE C 194 12.02 14.47 7.03
N ALA C 195 11.31 13.42 6.69
CA ALA C 195 11.49 12.06 7.25
C ALA C 195 12.76 11.42 6.66
N GLN C 196 13.00 11.62 5.35
CA GLN C 196 14.16 11.03 4.63
C GLN C 196 15.44 11.68 5.17
N ILE C 197 15.41 13.02 5.29
CA ILE C 197 16.48 13.88 5.90
C ILE C 197 16.73 13.44 7.35
N ILE C 198 15.79 13.62 8.27
CA ILE C 198 15.88 13.15 9.69
C ILE C 198 16.24 11.64 9.74
N GLU C 199 16.12 10.91 8.63
CA GLU C 199 16.42 9.44 8.52
C GLU C 199 15.58 8.69 9.55
N ALA C 200 14.25 8.87 9.54
CA ALA C 200 13.28 8.26 10.48
C ALA C 200 12.68 6.99 9.85
N ASP C 201 12.29 6.01 10.68
CA ASP C 201 11.49 4.83 10.26
C ASP C 201 10.08 5.29 9.86
N GLU C 202 9.52 6.31 10.55
CA GLU C 202 8.13 6.76 10.40
C GLU C 202 7.98 8.18 10.93
N VAL C 203 7.20 8.99 10.23
CA VAL C 203 6.75 10.32 10.74
C VAL C 203 5.23 10.44 10.57
N LEU C 204 4.50 10.74 11.65
CA LEU C 204 3.03 10.97 11.64
C LEU C 204 2.79 12.42 12.03
N LEU C 205 1.72 13.02 11.51
CA LEU C 205 1.32 14.39 11.84
C LEU C 205 -0.13 14.31 12.33
N PHE C 206 -0.45 15.01 13.42
CA PHE C 206 -1.77 14.94 14.09
C PHE C 206 -2.29 16.37 14.24
N GLU C 207 -3.57 16.66 13.99
CA GLU C 207 -4.19 17.96 14.38
C GLU C 207 -4.28 17.98 15.90
N ARG C 208 -4.08 19.14 16.53
CA ARG C 208 -3.75 19.27 17.99
C ARG C 208 -4.94 18.81 18.87
N ALA C 209 -6.10 19.48 18.78
CA ALA C 209 -7.33 19.24 19.57
C ALA C 209 -7.82 17.80 19.41
N THR C 210 -7.96 17.30 18.16
CA THR C 210 -8.64 16.00 17.85
C THR C 210 -7.66 14.83 17.92
N PHE C 211 -6.42 15.04 17.48
CA PHE C 211 -5.39 13.98 17.34
C PHE C 211 -5.73 13.01 16.18
N LEU C 212 -6.53 13.47 15.22
CA LEU C 212 -6.73 12.71 13.95
C LEU C 212 -5.43 12.81 13.15
N VAL C 213 -4.84 11.69 12.77
CA VAL C 213 -3.70 11.67 11.81
C VAL C 213 -4.13 12.43 10.53
N ILE C 214 -3.27 13.30 10.03
CA ILE C 214 -3.54 14.14 8.82
C ILE C 214 -2.44 13.93 7.77
N SER C 215 -1.31 13.26 8.10
CA SER C 215 -0.26 12.88 7.13
C SER C 215 0.69 11.88 7.76
N HIS C 216 1.44 11.15 6.94
CA HIS C 216 2.51 10.22 7.40
C HIS C 216 3.58 10.09 6.33
N TYR C 217 4.73 9.55 6.73
CA TYR C 217 5.67 8.83 5.88
C TYR C 217 6.13 7.55 6.61
N GLN C 218 6.09 6.44 5.88
CA GLN C 218 6.53 5.09 6.31
C GLN C 218 7.67 4.60 5.38
N CYS C 219 8.88 4.35 5.90
CA CYS C 219 10.09 3.84 5.17
C CYS C 219 10.36 2.37 5.50
N LYS C 220 9.65 1.78 6.45
CA LYS C 220 9.93 0.38 6.92
C LYS C 220 8.59 -0.34 7.05
N GLU C 221 8.59 -1.66 6.90
CA GLU C 221 7.34 -2.45 7.02
C GLU C 221 6.95 -2.44 8.51
N GLN C 222 5.65 -2.49 8.79
CA GLN C 222 5.01 -2.35 10.12
C GLN C 222 3.89 -3.38 10.18
N ARG C 223 3.98 -4.38 11.06
CA ARG C 223 2.92 -5.42 11.19
C ARG C 223 1.56 -4.77 11.53
N ASP C 224 1.54 -3.63 12.23
CA ASP C 224 0.25 -3.10 12.77
C ASP C 224 -0.36 -2.11 11.77
N VAL C 225 -1.17 -2.62 10.86
CA VAL C 225 -1.82 -1.87 9.75
C VAL C 225 -2.87 -0.93 10.32
N HIS C 226 -3.23 -1.04 11.60
CA HIS C 226 -4.22 -0.15 12.29
C HIS C 226 -3.56 0.83 13.28
N ARG C 227 -2.26 1.07 13.24
CA ARG C 227 -1.56 1.80 14.35
C ARG C 227 -1.91 3.29 14.41
N PHE C 228 -2.13 3.99 13.30
CA PHE C 228 -2.37 5.45 13.31
C PHE C 228 -3.51 5.80 14.28
N GLU C 229 -4.64 5.09 14.18
CA GLU C 229 -5.84 5.18 15.02
C GLU C 229 -5.52 4.86 16.49
N LYS C 230 -4.73 3.81 16.71
CA LYS C 230 -4.35 3.34 18.05
C LYS C 230 -3.57 4.47 18.72
N ILE C 231 -2.55 5.01 18.03
CA ILE C 231 -1.76 6.18 18.54
C ILE C 231 -2.72 7.32 18.87
N SER C 232 -3.65 7.63 17.97
CA SER C 232 -4.63 8.74 18.13
C SER C 232 -5.38 8.57 19.45
N ASN C 233 -5.93 7.39 19.70
CA ASN C 233 -6.72 7.04 20.90
C ASN C 233 -5.82 7.16 22.14
N ILE C 234 -4.63 6.56 22.09
CA ILE C 234 -3.64 6.53 23.19
C ILE C 234 -3.33 7.96 23.63
N ILE C 235 -2.75 8.77 22.75
CA ILE C 235 -2.17 10.08 23.13
C ILE C 235 -3.29 11.00 23.58
N LYS C 236 -4.47 10.85 22.97
CA LYS C 236 -5.69 11.66 23.21
C LYS C 236 -6.21 11.43 24.62
N GLN C 237 -6.21 10.18 25.10
CA GLN C 237 -6.72 9.78 26.44
C GLN C 237 -5.74 10.33 27.49
N PHE C 238 -4.45 10.22 27.23
CA PHE C 238 -3.36 10.79 28.06
C PHE C 238 -3.46 12.31 28.08
N LYS C 239 -3.78 12.95 26.97
CA LYS C 239 -3.98 14.44 26.85
C LYS C 239 -5.12 14.88 27.79
N LEU C 240 -6.22 14.13 27.84
CA LEU C 240 -7.41 14.39 28.69
C LEU C 240 -7.08 14.15 30.16
N SER C 241 -6.13 13.24 30.44
CA SER C 241 -5.57 13.00 31.80
C SER C 241 -4.75 14.21 32.24
N CYS C 242 -3.87 14.73 31.37
CA CYS C 242 -3.12 16.00 31.57
C CYS C 242 -4.06 17.22 31.60
N SER C 243 -5.32 17.07 31.18
CA SER C 243 -6.30 18.18 31.13
C SER C 243 -6.99 18.29 32.51
N LYS C 244 -7.34 17.16 33.10
CA LYS C 244 -7.91 17.08 34.47
C LYS C 244 -6.77 17.37 35.45
N LEU C 245 -5.83 16.44 35.53
CA LEU C 245 -4.84 16.35 36.64
C LEU C 245 -3.83 17.49 36.49
N ALA C 246 -4.28 18.67 36.03
CA ALA C 246 -3.56 19.98 36.05
C ALA C 246 -3.66 20.69 34.68
N ALA C 247 -2.60 20.58 33.87
CA ALA C 247 -2.36 21.40 32.65
C ALA C 247 -1.85 20.52 31.50
N SER C 248 -1.87 21.07 30.28
CA SER C 248 -1.76 20.37 28.98
C SER C 248 -0.42 19.63 28.80
N PHE C 249 -0.37 18.80 27.75
CA PHE C 249 0.75 17.93 27.30
C PHE C 249 1.55 18.70 26.23
N GLN C 250 2.88 18.72 26.39
CA GLN C 250 3.79 19.52 25.54
C GLN C 250 4.54 18.55 24.64
N SER C 251 5.36 17.66 25.20
CA SER C 251 6.15 16.68 24.43
C SER C 251 6.28 15.36 25.18
N MET C 252 6.83 14.36 24.49
CA MET C 252 7.13 13.00 24.99
C MET C 252 8.30 12.46 24.19
N GLU C 253 9.13 11.63 24.84
CA GLU C 253 10.10 10.70 24.23
C GLU C 253 9.85 9.35 24.91
N VAL C 254 9.93 8.24 24.18
CA VAL C 254 9.64 6.86 24.68
C VAL C 254 10.65 5.94 24.00
N ARG C 255 11.28 5.01 24.74
CA ARG C 255 12.33 4.13 24.17
C ARG C 255 12.23 2.74 24.76
N ASN C 256 13.20 1.89 24.40
CA ASN C 256 13.08 0.41 24.26
C ASN C 256 14.39 -0.05 23.62
N SER C 257 14.74 -1.34 23.69
CA SER C 257 15.95 -1.84 23.01
C SER C 257 15.81 -1.58 21.50
N ASN C 258 14.58 -1.65 20.97
CA ASN C 258 14.26 -1.72 19.51
C ASN C 258 13.91 -0.35 18.89
N PHE C 259 13.48 0.66 19.64
CA PHE C 259 12.98 1.91 19.02
C PHE C 259 13.08 3.11 19.98
N ALA C 260 12.68 4.27 19.45
CA ALA C 260 12.65 5.56 20.15
C ALA C 260 11.76 6.53 19.39
N ALA C 261 10.56 6.85 19.91
CA ALA C 261 9.60 7.80 19.30
C ALA C 261 9.66 9.14 20.04
N PHE C 262 9.33 10.22 19.34
CA PHE C 262 9.26 11.58 19.92
C PHE C 262 7.95 12.21 19.47
N ILE C 263 7.16 12.66 20.42
CA ILE C 263 5.93 13.42 20.14
C ILE C 263 6.18 14.83 20.67
N ASP C 264 5.96 15.83 19.85
CA ASP C 264 6.18 17.25 20.20
C ASP C 264 5.16 18.11 19.46
N ILE C 265 4.68 19.16 20.11
CA ILE C 265 3.96 20.30 19.46
C ILE C 265 4.79 20.73 18.24
N PHE C 266 4.18 20.86 17.08
CA PHE C 266 4.92 21.03 15.81
C PHE C 266 4.60 22.41 15.22
N THR C 267 3.47 22.54 14.55
CA THR C 267 3.05 23.88 14.04
C THR C 267 2.01 24.45 14.99
N SER C 268 1.26 25.46 14.54
CA SER C 268 0.21 26.07 15.40
C SER C 268 -0.73 24.99 15.90
N ASN C 269 -1.34 24.26 14.98
CA ASN C 269 -2.38 23.26 15.35
C ASN C 269 -1.92 21.82 15.14
N THR C 270 -0.62 21.51 15.10
CA THR C 270 -0.26 20.08 14.95
C THR C 270 0.73 19.59 16.01
N TYR C 271 0.65 18.29 16.28
CA TYR C 271 1.70 17.50 16.98
C TYR C 271 2.35 16.62 15.91
N VAL C 272 3.63 16.31 16.08
CA VAL C 272 4.40 15.43 15.17
C VAL C 272 4.80 14.23 16.00
N MET C 273 5.09 13.12 15.35
CA MET C 273 5.69 11.95 16.00
C MET C 273 6.68 11.32 15.03
N VAL C 274 7.93 11.25 15.50
CA VAL C 274 9.09 10.72 14.75
C VAL C 274 9.47 9.41 15.41
N VAL C 275 9.45 8.32 14.65
CA VAL C 275 9.95 7.00 15.11
C VAL C 275 11.30 6.72 14.47
N MET C 276 12.30 6.62 15.32
CA MET C 276 13.70 6.27 15.01
C MET C 276 13.92 4.82 15.41
N SER C 277 14.91 4.15 14.84
CA SER C 277 15.46 2.89 15.39
C SER C 277 16.99 2.99 15.50
N ASP C 278 17.48 4.17 15.95
CA ASP C 278 18.82 4.52 16.52
C ASP C 278 19.99 3.80 15.84
N PRO C 279 20.10 3.83 14.48
CA PRO C 279 21.21 3.18 13.78
C PRO C 279 22.55 3.74 14.30
N SER C 280 22.50 4.96 14.86
CA SER C 280 23.51 5.60 15.77
C SER C 280 23.24 7.11 15.91
N ILE C 281 21.97 7.55 15.96
CA ILE C 281 21.57 8.98 16.15
C ILE C 281 21.18 9.17 17.62
N PRO C 282 21.76 10.17 18.32
CA PRO C 282 21.37 10.43 19.71
C PRO C 282 20.13 11.33 19.75
N SER C 283 19.38 11.32 20.86
CA SER C 283 18.18 12.17 21.09
C SER C 283 18.34 13.55 20.45
N ALA C 284 19.33 14.33 20.91
CA ALA C 284 19.51 15.77 20.62
C ALA C 284 19.50 16.04 19.09
N ALA C 285 20.11 15.14 18.30
CA ALA C 285 20.11 15.18 16.81
C ALA C 285 18.67 15.31 16.30
N THR C 286 17.78 14.39 16.71
CA THR C 286 16.36 14.33 16.32
C THR C 286 15.61 15.60 16.79
N LEU C 287 15.73 15.96 18.07
CA LEU C 287 14.90 17.05 18.64
C LEU C 287 15.24 18.37 17.95
N ILE C 288 16.48 18.52 17.46
CA ILE C 288 16.96 19.77 16.79
C ILE C 288 16.35 19.79 15.38
N ASN C 289 16.43 18.66 14.67
CA ASN C 289 15.80 18.48 13.33
C ASN C 289 14.34 18.91 13.42
N ILE C 290 13.63 18.38 14.42
CA ILE C 290 12.19 18.66 14.68
C ILE C 290 11.99 20.17 14.84
N ARG C 291 12.79 20.84 15.65
CA ARG C 291 12.58 22.30 15.92
C ARG C 291 12.87 23.11 14.64
N ASN C 292 13.79 22.65 13.79
CA ASN C 292 14.21 23.42 12.58
C ASN C 292 13.20 23.19 11.46
N ALA C 293 12.45 22.08 11.52
CA ALA C 293 11.43 21.73 10.51
C ALA C 293 10.12 22.52 10.75
N ARG C 294 9.79 22.99 11.97
CA ARG C 294 8.49 23.67 12.27
C ARG C 294 8.16 24.77 11.27
N LYS C 295 9.11 25.64 10.95
CA LYS C 295 8.83 26.91 10.23
C LYS C 295 8.41 26.57 8.80
N HIS C 296 8.92 25.45 8.27
CA HIS C 296 8.61 24.93 6.92
C HIS C 296 7.12 24.59 6.83
N PHE C 297 6.63 23.83 7.81
CA PHE C 297 5.25 23.29 7.88
C PHE C 297 4.27 24.42 8.22
N GLU C 298 4.73 25.46 8.90
CA GLU C 298 3.89 26.59 9.37
C GLU C 298 3.35 27.36 8.16
N LYS C 299 4.21 27.66 7.18
CA LYS C 299 3.82 28.26 5.87
C LYS C 299 2.54 27.58 5.38
N LEU C 300 2.58 26.25 5.34
CA LEU C 300 1.50 25.41 4.77
C LEU C 300 0.16 25.65 5.46
N GLU C 301 0.15 26.37 6.58
CA GLU C 301 -1.16 26.59 7.26
C GLU C 301 -1.81 27.85 6.71
N ARG C 302 -1.87 28.91 7.53
CA ARG C 302 -2.49 30.23 7.24
C ARG C 302 -2.41 30.57 5.74
N VAL C 303 -3.57 30.51 5.07
CA VAL C 303 -3.73 30.67 3.59
C VAL C 303 -2.53 30.05 2.86
N SER D 60 9.69 -14.92 46.80
CA SER D 60 9.91 -13.44 46.67
C SER D 60 8.58 -12.71 46.45
N LYS D 61 7.66 -13.32 45.68
CA LYS D 61 6.41 -12.70 45.17
C LYS D 61 5.26 -12.94 46.14
N PRO D 62 4.68 -11.87 46.74
CA PRO D 62 3.52 -12.00 47.62
C PRO D 62 2.24 -12.54 46.96
N ARG D 63 1.76 -13.70 47.42
CA ARG D 63 0.49 -14.33 46.95
C ARG D 63 -0.69 -13.47 47.40
N ILE D 64 -1.81 -13.53 46.65
CA ILE D 64 -3.13 -12.89 46.99
C ILE D 64 -4.23 -13.78 46.43
N LEU D 65 -5.16 -14.23 47.28
CA LEU D 65 -6.41 -14.85 46.81
C LEU D 65 -7.47 -13.74 46.68
N LEU D 66 -8.37 -13.91 45.71
CA LEU D 66 -9.62 -13.09 45.58
C LEU D 66 -10.82 -14.06 45.53
N MET D 67 -11.67 -14.03 46.56
CA MET D 67 -12.93 -14.81 46.62
C MET D 67 -14.10 -13.81 46.74
N GLY D 68 -15.34 -14.31 46.60
CA GLY D 68 -16.56 -13.48 46.65
C GLY D 68 -17.70 -14.18 45.94
N LEU D 69 -18.92 -13.66 46.04
CA LEU D 69 -20.11 -14.29 45.40
C LEU D 69 -19.87 -14.42 43.89
N ARG D 70 -20.65 -15.27 43.22
CA ARG D 70 -20.84 -15.24 41.74
C ARG D 70 -21.44 -13.88 41.38
N ARG D 71 -20.95 -13.25 40.31
CA ARG D 71 -21.41 -11.92 39.84
C ARG D 71 -20.98 -10.82 40.83
N SER D 72 -20.08 -11.12 41.77
CA SER D 72 -19.59 -10.14 42.76
C SER D 72 -18.61 -9.16 42.08
N GLY D 73 -17.88 -9.62 41.06
CA GLY D 73 -16.98 -8.78 40.22
C GLY D 73 -15.53 -9.22 40.27
N LYS D 74 -15.26 -10.52 40.50
CA LYS D 74 -13.90 -11.09 40.69
C LYS D 74 -13.11 -11.00 39.37
N ASN D 75 -13.71 -11.47 38.28
CA ASN D 75 -13.09 -11.62 36.93
C ASN D 75 -12.91 -10.23 36.31
N SER D 76 -13.90 -9.34 36.44
CA SER D 76 -13.81 -7.93 35.98
C SER D 76 -12.56 -7.27 36.58
N ILE D 77 -12.34 -7.44 37.88
CA ILE D 77 -11.17 -6.87 38.63
C ILE D 77 -9.88 -7.53 38.15
N GLN D 78 -9.91 -8.85 37.93
CA GLN D 78 -8.75 -9.61 37.39
C GLN D 78 -8.23 -8.95 36.10
N LYS D 79 -9.12 -8.67 35.15
CA LYS D 79 -8.78 -8.09 33.82
C LYS D 79 -8.28 -6.65 33.96
N VAL D 80 -9.09 -5.81 34.62
CA VAL D 80 -8.86 -4.33 34.76
C VAL D 80 -7.47 -4.12 35.35
N VAL D 81 -7.08 -4.91 36.34
CA VAL D 81 -5.84 -4.72 37.14
C VAL D 81 -4.67 -5.43 36.44
N PHE D 82 -4.82 -6.67 35.99
CA PHE D 82 -3.71 -7.49 35.43
C PHE D 82 -3.83 -7.65 33.89
N HIS D 83 -3.64 -8.88 33.40
CA HIS D 83 -3.84 -9.22 31.96
C HIS D 83 -5.26 -8.81 31.57
N ASN D 106 1.82 -13.92 35.31
CA ASN D 106 3.18 -14.51 35.46
C ASN D 106 4.24 -13.40 35.63
N SER D 107 4.07 -12.25 34.97
CA SER D 107 5.04 -11.13 34.97
C SER D 107 4.53 -9.94 35.79
N SER D 108 3.70 -10.21 36.81
CA SER D 108 3.40 -9.28 37.92
C SER D 108 4.38 -9.56 39.07
N PHE D 109 4.74 -8.53 39.85
CA PHE D 109 5.58 -8.65 41.09
C PHE D 109 4.69 -9.13 42.25
N VAL D 110 3.70 -9.97 41.93
CA VAL D 110 2.54 -10.35 42.79
C VAL D 110 1.93 -11.61 42.18
N ASN D 111 1.98 -12.75 42.89
CA ASN D 111 1.21 -13.97 42.54
C ASN D 111 -0.26 -13.68 42.87
N PHE D 112 -1.19 -14.10 42.02
CA PHE D 112 -2.65 -13.78 42.12
C PHE D 112 -3.47 -14.96 41.58
N GLN D 113 -4.58 -15.31 42.27
CA GLN D 113 -5.51 -16.41 41.87
C GLN D 113 -6.94 -15.94 42.18
N ILE D 114 -7.95 -16.82 42.07
CA ILE D 114 -9.40 -16.54 42.34
C ILE D 114 -9.97 -17.71 43.16
N TRP D 115 -11.25 -17.65 43.57
CA TRP D 115 -11.99 -18.76 44.27
C TRP D 115 -13.13 -19.29 43.40
N GLU D 131 -9.15 -25.16 51.96
CA GLU D 131 -8.53 -26.31 52.69
C GLU D 131 -7.01 -26.26 52.46
N MET D 132 -6.46 -27.15 51.62
CA MET D 132 -5.00 -27.32 51.39
C MET D 132 -4.48 -26.22 50.44
N ILE D 133 -5.11 -25.03 50.42
CA ILE D 133 -4.72 -23.86 49.56
C ILE D 133 -4.33 -22.67 50.46
N PHE D 134 -5.18 -22.28 51.42
CA PHE D 134 -4.96 -21.09 52.29
C PHE D 134 -3.51 -21.08 52.78
N ARG D 135 -3.03 -22.27 53.17
CA ARG D 135 -1.61 -22.62 53.43
C ARG D 135 -0.69 -21.43 53.14
N GLY D 136 -0.52 -21.09 51.86
CA GLY D 136 0.57 -20.24 51.33
C GLY D 136 0.25 -18.76 51.37
N THR D 137 -1.00 -18.37 51.08
CA THR D 137 -1.44 -16.97 50.77
C THR D 137 -1.24 -16.04 51.99
N GLY D 138 -0.62 -14.87 51.76
CA GLY D 138 -0.20 -13.90 52.80
C GLY D 138 -1.11 -12.68 52.88
N ALA D 139 -2.17 -12.63 52.06
CA ALA D 139 -3.32 -11.71 52.14
C ALA D 139 -4.49 -12.32 51.35
N LEU D 140 -5.69 -11.75 51.51
CA LEU D 140 -6.95 -12.35 51.01
C LEU D 140 -8.02 -11.26 50.83
N ILE D 141 -8.32 -10.88 49.58
CA ILE D 141 -9.46 -9.97 49.24
C ILE D 141 -10.74 -10.81 49.16
N TYR D 142 -11.77 -10.41 49.90
CA TYR D 142 -13.18 -10.83 49.70
C TYR D 142 -13.90 -9.67 49.00
N VAL D 143 -14.53 -9.96 47.87
CA VAL D 143 -15.28 -8.96 47.08
C VAL D 143 -16.73 -9.04 47.54
N ILE D 144 -17.36 -7.89 47.77
CA ILE D 144 -18.84 -7.84 47.99
C ILE D 144 -19.45 -6.81 47.03
N ASP D 145 -20.36 -7.29 46.18
CA ASP D 145 -21.23 -6.46 45.32
C ASP D 145 -22.08 -5.61 46.27
N ALA D 146 -21.84 -4.31 46.29
CA ALA D 146 -22.67 -3.31 47.02
C ALA D 146 -23.99 -3.09 46.25
N GLN D 147 -24.06 -3.43 44.96
CA GLN D 147 -25.25 -3.20 44.07
C GLN D 147 -26.30 -4.28 44.30
N ASP D 148 -25.93 -5.39 44.94
CA ASP D 148 -26.84 -6.49 45.34
C ASP D 148 -27.32 -6.19 46.77
N ASP D 149 -28.43 -6.80 47.19
CA ASP D 149 -29.00 -6.60 48.55
C ASP D 149 -28.00 -7.16 49.56
N TYR D 150 -27.13 -8.07 49.11
CA TYR D 150 -25.82 -8.45 49.71
C TYR D 150 -25.97 -8.91 51.18
N MET D 151 -27.20 -8.95 51.71
CA MET D 151 -27.47 -9.36 53.11
C MET D 151 -27.11 -10.86 53.27
N GLU D 152 -26.95 -11.56 52.14
CA GLU D 152 -26.50 -12.97 52.06
C GLU D 152 -24.98 -13.03 51.90
N ALA D 153 -24.41 -12.11 51.11
CA ALA D 153 -22.98 -12.03 50.73
C ALA D 153 -22.10 -11.93 51.99
N LEU D 154 -22.47 -11.08 52.95
CA LEU D 154 -21.68 -10.89 54.21
C LEU D 154 -21.87 -12.09 55.15
N THR D 155 -22.95 -12.87 54.98
CA THR D 155 -23.22 -14.13 55.74
C THR D 155 -22.24 -15.20 55.22
N ARG D 156 -21.91 -15.16 53.92
CA ARG D 156 -20.89 -16.02 53.26
C ARG D 156 -19.48 -15.45 53.48
N LEU D 157 -19.37 -14.21 53.97
CA LEU D 157 -18.08 -13.56 54.30
C LEU D 157 -17.45 -14.23 55.53
N HIS D 158 -18.13 -14.19 56.69
CA HIS D 158 -17.68 -14.81 57.97
C HIS D 158 -17.19 -16.23 57.68
N ILE D 159 -18.05 -17.07 57.08
CA ILE D 159 -17.80 -18.51 56.75
C ILE D 159 -16.76 -18.62 55.62
N THR D 160 -15.85 -17.65 55.49
CA THR D 160 -14.66 -17.70 54.60
C THR D 160 -13.46 -17.06 55.32
N VAL D 161 -13.66 -15.88 55.91
CA VAL D 161 -12.62 -15.11 56.65
C VAL D 161 -12.22 -15.85 57.94
N SER D 162 -13.14 -16.64 58.50
CA SER D 162 -12.95 -17.36 59.79
C SER D 162 -11.94 -18.50 59.61
N LYS D 163 -12.38 -19.65 59.07
CA LYS D 163 -11.60 -20.91 58.89
C LYS D 163 -10.25 -20.66 58.19
N ALA D 164 -10.13 -19.58 57.41
CA ALA D 164 -8.87 -19.13 56.78
C ALA D 164 -7.88 -18.68 57.87
N TYR D 165 -8.39 -18.33 59.06
CA TYR D 165 -7.63 -17.87 60.25
C TYR D 165 -7.11 -19.07 61.04
N LYS D 166 -7.89 -20.16 61.11
CA LYS D 166 -7.54 -21.38 61.89
C LYS D 166 -6.37 -22.12 61.21
N VAL D 167 -6.27 -22.03 59.88
CA VAL D 167 -5.20 -22.66 59.04
C VAL D 167 -3.92 -21.80 59.15
N ASN D 168 -3.95 -20.56 58.62
CA ASN D 168 -2.86 -19.55 58.77
C ASN D 168 -3.46 -18.28 59.39
N PRO D 169 -3.39 -18.12 60.73
CA PRO D 169 -3.91 -16.92 61.39
C PRO D 169 -3.21 -15.59 61.03
N ASP D 170 -2.08 -15.62 60.33
CA ASP D 170 -1.20 -14.43 60.15
C ASP D 170 -1.50 -13.71 58.83
N MET D 171 -2.37 -14.26 57.96
CA MET D 171 -2.69 -13.65 56.63
C MET D 171 -3.60 -12.42 56.83
N ASN D 172 -3.38 -11.37 56.05
CA ASN D 172 -4.15 -10.10 56.11
C ASN D 172 -5.49 -10.29 55.40
N PHE D 173 -6.57 -9.77 55.99
CA PHE D 173 -7.96 -9.91 55.52
C PHE D 173 -8.43 -8.55 55.00
N GLU D 174 -8.92 -8.53 53.75
CA GLU D 174 -9.17 -7.31 52.94
C GLU D 174 -10.55 -7.42 52.29
N VAL D 175 -11.49 -6.58 52.71
CA VAL D 175 -12.86 -6.51 52.14
C VAL D 175 -12.84 -5.40 51.10
N PHE D 176 -13.14 -5.72 49.85
CA PHE D 176 -13.46 -4.72 48.80
C PHE D 176 -14.98 -4.65 48.70
N ILE D 177 -15.52 -3.52 49.15
CA ILE D 177 -16.94 -3.12 48.92
C ILE D 177 -17.04 -2.59 47.48
N HIS D 178 -17.34 -3.48 46.54
CA HIS D 178 -17.12 -3.25 45.07
C HIS D 178 -18.39 -2.66 44.42
N LYS D 179 -18.20 -1.97 43.28
CA LYS D 179 -19.27 -1.42 42.42
C LYS D 179 -19.91 -0.21 43.13
N VAL D 180 -19.09 0.76 43.52
CA VAL D 180 -19.55 2.02 44.19
C VAL D 180 -19.72 3.13 43.16
N ASP D 181 -19.52 2.83 41.87
CA ASP D 181 -19.52 3.83 40.77
C ASP D 181 -20.91 4.47 40.62
N GLY D 182 -21.97 3.65 40.48
CA GLY D 182 -23.35 4.10 40.20
C GLY D 182 -24.01 4.75 41.40
N LEU D 183 -23.58 4.37 42.61
CA LEU D 183 -24.16 4.84 43.91
C LEU D 183 -23.75 6.30 44.13
N SER D 184 -24.66 7.14 44.66
CA SER D 184 -24.57 8.63 44.70
C SER D 184 -23.98 9.14 46.03
N ASP D 185 -22.67 9.46 46.03
CA ASP D 185 -21.82 10.03 47.12
C ASP D 185 -22.16 9.53 48.53
N ASP D 186 -23.34 9.86 49.09
CA ASP D 186 -23.67 9.62 50.52
C ASP D 186 -23.88 8.12 50.76
N HIS D 187 -24.74 7.47 49.97
CA HIS D 187 -25.20 6.05 50.03
C HIS D 187 -24.02 5.08 50.23
N LYS D 188 -22.79 5.47 49.88
CA LYS D 188 -21.55 4.67 50.10
C LYS D 188 -21.30 4.63 51.60
N ILE D 189 -21.03 5.83 52.17
CA ILE D 189 -20.61 6.08 53.58
C ILE D 189 -21.56 5.31 54.53
N GLU D 190 -22.86 5.24 54.19
CA GLU D 190 -23.89 4.43 54.90
C GLU D 190 -23.58 2.94 54.69
N THR D 191 -23.92 2.39 53.52
CA THR D 191 -23.72 0.97 53.11
C THR D 191 -22.38 0.43 53.63
N GLN D 192 -21.36 1.29 53.72
CA GLN D 192 -20.02 0.95 54.26
C GLN D 192 -20.13 0.54 55.74
N ARG D 193 -20.65 1.43 56.59
CA ARG D 193 -20.89 1.17 58.04
C ARG D 193 -21.69 -0.13 58.19
N ASP D 194 -22.90 -0.18 57.62
CA ASP D 194 -23.72 -1.40 57.59
C ASP D 194 -22.78 -2.61 57.52
N ILE D 195 -21.88 -2.66 56.51
CA ILE D 195 -21.01 -3.83 56.21
C ILE D 195 -19.89 -3.93 57.27
N HIS D 196 -19.14 -2.84 57.48
CA HIS D 196 -18.09 -2.71 58.54
C HIS D 196 -18.64 -3.26 59.87
N GLN D 197 -19.83 -2.79 60.27
CA GLN D 197 -20.50 -3.07 61.58
C GLN D 197 -21.01 -4.52 61.62
N ARG D 198 -21.92 -4.89 60.69
CA ARG D 198 -22.62 -6.22 60.68
C ARG D 198 -21.60 -7.36 60.66
N ALA D 199 -20.46 -7.17 59.98
CA ALA D 199 -19.39 -8.16 59.75
C ALA D 199 -18.23 -7.96 60.74
N ASN D 200 -18.33 -6.98 61.67
CA ASN D 200 -17.51 -6.85 62.90
C ASN D 200 -18.31 -7.42 64.08
N ASP D 201 -19.58 -7.76 63.85
CA ASP D 201 -20.49 -8.43 64.82
C ASP D 201 -20.41 -9.94 64.60
N ASP D 202 -20.68 -10.40 63.37
CA ASP D 202 -20.69 -11.84 62.98
C ASP D 202 -19.48 -12.55 63.60
N LEU D 203 -18.42 -11.79 63.95
CA LEU D 203 -17.21 -12.29 64.65
C LEU D 203 -17.43 -12.29 66.18
N ALA D 204 -17.99 -11.22 66.74
CA ALA D 204 -18.48 -11.21 68.15
C ALA D 204 -19.42 -12.41 68.34
N ASP D 205 -20.41 -12.57 67.44
CA ASP D 205 -21.45 -13.64 67.41
C ASP D 205 -20.82 -15.05 67.47
N ALA D 206 -19.63 -15.26 66.91
CA ALA D 206 -18.90 -16.56 66.94
C ALA D 206 -17.54 -16.38 67.64
N GLY D 207 -17.51 -15.57 68.70
CA GLY D 207 -16.35 -15.40 69.61
C GLY D 207 -15.07 -15.09 68.87
N LEU D 208 -15.05 -14.00 68.10
CA LEU D 208 -13.90 -13.61 67.24
C LEU D 208 -13.76 -12.08 67.26
N GLU D 209 -12.56 -11.58 67.55
CA GLU D 209 -12.26 -10.12 67.68
C GLU D 209 -10.74 -9.94 67.73
N LYS D 210 -10.01 -10.61 66.84
CA LYS D 210 -8.52 -10.49 66.68
C LYS D 210 -8.20 -10.27 65.18
N LEU D 211 -8.95 -10.91 64.28
CA LEU D 211 -8.95 -10.67 62.81
C LEU D 211 -9.17 -9.19 62.53
N HIS D 212 -8.11 -8.43 62.21
CA HIS D 212 -8.21 -7.04 61.68
C HIS D 212 -8.78 -7.13 60.24
N LEU D 213 -9.97 -6.55 60.02
CA LEU D 213 -10.61 -6.41 58.69
C LEU D 213 -10.36 -4.98 58.18
N SER D 214 -9.63 -4.84 57.05
CA SER D 214 -9.40 -3.59 56.27
C SER D 214 -10.46 -3.47 55.15
N PHE D 215 -10.91 -2.25 54.86
CA PHE D 215 -12.08 -1.94 53.99
C PHE D 215 -11.69 -0.94 52.88
N TYR D 216 -12.30 -1.09 51.69
CA TYR D 216 -12.06 -0.24 50.48
C TYR D 216 -13.33 -0.19 49.62
N LEU D 217 -13.75 1.03 49.26
CA LEU D 217 -14.88 1.35 48.35
C LEU D 217 -14.39 1.23 46.90
N THR D 218 -14.69 0.13 46.21
CA THR D 218 -14.07 -0.21 44.89
C THR D 218 -15.09 -0.13 43.73
N SER D 219 -14.53 0.09 42.54
CA SER D 219 -15.21 0.24 41.22
C SER D 219 -14.13 0.17 40.13
N ILE D 220 -14.45 -0.43 38.97
CA ILE D 220 -13.48 -0.65 37.86
C ILE D 220 -13.44 0.58 36.95
N TYR D 221 -14.53 1.36 36.89
CA TYR D 221 -14.65 2.60 36.08
C TYR D 221 -14.15 3.80 36.90
N ASP D 222 -12.93 3.69 37.43
CA ASP D 222 -12.46 4.41 38.65
C ASP D 222 -11.05 3.88 38.95
N HIS D 223 -10.17 4.71 39.52
CA HIS D 223 -8.81 4.25 39.90
C HIS D 223 -8.81 3.68 41.33
N SER D 224 -9.97 3.69 42.02
CA SER D 224 -10.18 3.10 43.37
C SER D 224 -9.67 1.66 43.42
N ILE D 225 -9.94 0.85 42.40
CA ILE D 225 -9.56 -0.59 42.41
C ILE D 225 -8.03 -0.72 42.48
N PHE D 226 -7.30 0.20 41.82
CA PHE D 226 -5.80 0.20 41.76
C PHE D 226 -5.25 0.74 43.08
N GLU D 227 -5.99 1.66 43.71
CA GLU D 227 -5.55 2.41 44.92
C GLU D 227 -5.58 1.45 46.11
N ALA D 228 -6.60 0.60 46.16
CA ALA D 228 -6.76 -0.51 47.13
C ALA D 228 -5.62 -1.50 46.89
N PHE D 229 -5.75 -2.38 45.91
CA PHE D 229 -4.69 -3.32 45.45
C PHE D 229 -3.30 -2.80 45.82
N SER D 230 -3.07 -1.49 45.72
CA SER D 230 -1.81 -0.81 46.14
C SER D 230 -1.61 -1.01 47.65
N LYS D 231 -2.35 -0.26 48.49
CA LYS D 231 -2.34 -0.36 49.98
C LYS D 231 -2.20 -1.83 50.39
N VAL D 232 -3.07 -2.71 49.87
CA VAL D 232 -3.16 -4.15 50.25
C VAL D 232 -1.82 -4.85 50.07
N VAL D 233 -1.08 -4.52 49.00
CA VAL D 233 0.20 -5.18 48.64
C VAL D 233 1.33 -4.62 49.51
N GLN D 234 1.31 -3.31 49.82
CA GLN D 234 2.32 -2.63 50.69
C GLN D 234 2.41 -3.31 52.06
N LYS D 235 1.29 -3.84 52.56
CA LYS D 235 1.20 -4.63 53.82
C LYS D 235 1.98 -5.96 53.68
N LEU D 236 2.09 -6.51 52.47
CA LEU D 236 2.69 -7.85 52.23
C LEU D 236 4.21 -7.75 51.96
N ILE D 237 4.81 -6.55 52.02
CA ILE D 237 6.25 -6.36 51.67
C ILE D 237 7.06 -6.21 52.95
N PRO D 238 7.76 -7.28 53.42
CA PRO D 238 8.60 -7.18 54.61
C PRO D 238 9.71 -6.13 54.45
N GLN D 239 10.51 -6.25 53.40
CA GLN D 239 11.66 -5.35 53.09
C GLN D 239 11.16 -4.05 52.44
N LEU D 240 9.92 -3.64 52.75
CA LEU D 240 9.29 -2.36 52.32
C LEU D 240 10.09 -1.17 52.86
N PRO D 241 10.36 -1.05 54.19
CA PRO D 241 10.94 0.18 54.73
C PRO D 241 12.29 0.52 54.08
N THR D 242 13.02 -0.50 53.63
CA THR D 242 14.32 -0.38 52.89
C THR D 242 14.04 0.27 51.53
N LEU D 243 12.92 -0.09 50.89
CA LEU D 243 12.45 0.49 49.59
C LEU D 243 12.10 1.97 49.82
N GLU D 244 11.16 2.24 50.75
CA GLU D 244 10.68 3.59 51.17
C GLU D 244 11.86 4.53 51.45
N ASN D 245 12.99 3.98 51.91
CA ASN D 245 14.22 4.74 52.28
C ASN D 245 15.07 4.97 51.03
N LEU D 246 15.19 3.96 50.15
CA LEU D 246 15.99 4.02 48.90
C LEU D 246 15.44 5.09 47.95
N LEU D 247 14.12 5.30 47.96
CA LEU D 247 13.47 6.39 47.18
C LEU D 247 14.01 7.71 47.71
N ASN D 248 13.71 8.03 48.96
CA ASN D 248 14.11 9.28 49.69
C ASN D 248 15.59 9.62 49.42
N ILE D 249 16.45 8.59 49.44
CA ILE D 249 17.91 8.65 49.14
C ILE D 249 18.08 9.38 47.80
N PHE D 250 17.39 8.89 46.76
CA PHE D 250 17.58 9.24 45.34
C PHE D 250 16.87 10.57 44.99
N ILE D 251 15.67 10.79 45.54
CA ILE D 251 14.79 11.95 45.19
C ILE D 251 15.49 13.23 45.60
N SER D 252 15.60 13.43 46.92
CA SER D 252 16.14 14.64 47.58
C SER D 252 17.56 14.90 47.05
N ASN D 253 18.36 13.84 46.94
CA ASN D 253 19.73 13.87 46.36
C ASN D 253 19.68 14.47 44.93
N SER D 254 18.59 14.24 44.18
CA SER D 254 18.43 14.54 42.73
C SER D 254 17.56 15.78 42.45
N GLY D 255 16.71 16.20 43.40
CA GLY D 255 15.85 17.39 43.22
C GLY D 255 14.56 17.04 42.51
N ILE D 256 14.31 15.73 42.39
CA ILE D 256 13.00 15.13 42.01
C ILE D 256 12.01 15.44 43.15
N GLU D 257 10.77 15.81 42.82
CA GLU D 257 9.72 16.09 43.84
C GLU D 257 9.22 14.75 44.37
N LYS D 258 8.10 14.26 43.85
CA LYS D 258 7.51 12.94 44.24
C LYS D 258 8.25 11.86 43.43
N ALA D 259 8.14 10.57 43.79
CA ALA D 259 8.63 9.46 42.93
C ALA D 259 8.10 8.09 43.38
N PHE D 260 7.21 7.51 42.59
CA PHE D 260 6.60 6.17 42.80
C PHE D 260 7.44 5.05 42.16
N LEU D 261 7.09 3.81 42.49
CA LEU D 261 7.80 2.59 42.05
C LEU D 261 6.75 1.52 41.82
N PHE D 262 6.35 1.34 40.57
CA PHE D 262 5.24 0.46 40.15
C PHE D 262 5.74 -0.90 39.67
N ASP D 263 4.91 -1.90 39.90
CA ASP D 263 4.80 -3.12 39.05
C ASP D 263 4.14 -2.66 37.73
N VAL D 264 4.77 -2.91 36.59
CA VAL D 264 4.36 -2.28 35.30
C VAL D 264 3.01 -2.86 34.86
N VAL D 265 2.88 -4.18 34.79
CA VAL D 265 1.69 -4.94 34.32
C VAL D 265 0.43 -4.45 35.06
N SER D 266 0.52 -4.29 36.39
CA SER D 266 -0.63 -4.07 37.30
C SER D 266 -0.88 -2.58 37.50
N LYS D 267 0.18 -1.77 37.56
CA LYS D 267 0.10 -0.32 37.88
C LYS D 267 -0.21 -0.16 39.38
N ILE D 268 -0.14 -1.25 40.15
CA ILE D 268 0.01 -1.24 41.64
C ILE D 268 1.34 -0.57 41.96
N TYR D 269 1.39 0.39 42.88
CA TYR D 269 2.68 0.90 43.41
C TYR D 269 3.02 0.18 44.72
N ILE D 270 4.19 -0.48 44.73
CA ILE D 270 4.73 -1.17 45.93
C ILE D 270 5.32 -0.15 46.92
N ALA D 271 5.91 0.95 46.43
CA ALA D 271 6.60 1.95 47.27
C ALA D 271 6.42 3.35 46.69
N THR D 272 6.79 4.37 47.47
CA THR D 272 6.85 5.80 47.06
C THR D 272 7.62 6.55 48.16
N ASP D 273 7.96 7.82 47.95
CA ASP D 273 8.66 8.67 48.97
C ASP D 273 7.70 8.90 50.15
N SER D 274 8.25 9.02 51.36
CA SER D 274 7.49 9.12 52.64
C SER D 274 6.64 10.40 52.68
N SER D 275 6.88 11.34 51.74
CA SER D 275 6.18 12.66 51.60
C SER D 275 4.75 12.45 51.10
N PRO D 276 3.92 13.52 50.93
CA PRO D 276 2.48 13.34 50.69
C PRO D 276 2.20 12.87 49.26
N VAL D 277 1.40 11.80 49.10
CA VAL D 277 1.05 11.14 47.81
C VAL D 277 -0.29 11.69 47.31
N ASP D 278 -0.27 12.79 46.55
CA ASP D 278 -1.46 13.28 45.79
C ASP D 278 -1.93 12.14 44.90
N MET D 279 -3.17 11.68 45.09
CA MET D 279 -3.72 10.45 44.46
C MET D 279 -4.04 10.72 42.98
N GLN D 280 -4.09 11.99 42.58
CA GLN D 280 -4.16 12.44 41.16
C GLN D 280 -2.82 12.15 40.46
N SER D 281 -1.71 12.63 41.03
CA SER D 281 -0.32 12.34 40.58
C SER D 281 -0.11 10.83 40.37
N TYR D 282 -0.80 10.00 41.14
CA TYR D 282 -0.73 8.52 41.04
C TYR D 282 -1.40 8.04 39.75
N GLU D 283 -2.56 8.63 39.42
CA GLU D 283 -3.38 8.32 38.22
C GLU D 283 -2.56 8.66 36.98
N LEU D 284 -1.99 9.88 36.94
CA LEU D 284 -1.23 10.45 35.79
C LEU D 284 -0.04 9.54 35.45
N CYS D 285 0.79 9.22 36.45
CA CYS D 285 1.92 8.25 36.32
C CYS D 285 1.33 6.89 35.88
N CYS D 286 0.09 6.58 36.26
CA CYS D 286 -0.60 5.32 35.91
C CYS D 286 -0.93 5.40 34.41
N ASP D 287 -1.43 6.55 34.00
CA ASP D 287 -1.83 6.87 32.61
C ASP D 287 -0.57 6.95 31.73
N MET D 288 0.56 7.38 32.31
CA MET D 288 1.86 7.47 31.59
C MET D 288 2.34 6.06 31.23
N ILE D 289 2.22 5.12 32.15
CA ILE D 289 2.74 3.74 31.98
C ILE D 289 1.97 3.11 30.81
N ASP D 290 0.67 3.41 30.73
CA ASP D 290 -0.26 2.91 29.69
C ASP D 290 0.22 3.39 28.31
N VAL D 291 0.43 4.70 28.18
CA VAL D 291 1.05 5.34 26.98
C VAL D 291 2.33 4.61 26.62
N VAL D 292 3.26 4.48 27.56
CA VAL D 292 4.65 3.98 27.29
C VAL D 292 4.56 2.55 26.77
N ILE D 293 3.71 1.70 27.37
CA ILE D 293 3.57 0.26 27.04
C ILE D 293 2.80 0.09 25.71
N ASP D 294 1.74 0.86 25.50
CA ASP D 294 0.92 0.80 24.26
C ASP D 294 1.72 1.34 23.04
N VAL D 295 2.43 2.47 23.15
CA VAL D 295 3.35 2.92 22.07
C VAL D 295 4.43 1.85 21.85
N SER D 296 4.93 1.22 22.91
CA SER D 296 6.09 0.28 22.81
C SER D 296 5.66 -1.04 22.16
N CYS D 297 4.46 -1.52 22.42
CA CYS D 297 3.80 -2.69 21.77
C CYS D 297 3.63 -2.51 20.26
N ILE D 298 3.42 -1.30 19.77
CA ILE D 298 3.27 -1.04 18.31
C ILE D 298 4.66 -1.01 17.66
N TYR D 299 5.49 -0.05 18.04
CA TYR D 299 6.86 0.19 17.51
C TYR D 299 7.93 -0.63 18.27
N GLY D 300 8.74 -1.36 17.52
CA GLY D 300 9.84 -2.14 18.11
C GLY D 300 9.35 -3.31 18.97
N LEU D 301 9.11 -4.45 18.32
CA LEU D 301 9.01 -5.78 18.94
C LEU D 301 10.04 -6.69 18.26
N LYS D 302 11.13 -6.07 17.78
CA LYS D 302 12.12 -6.68 16.87
C LYS D 302 11.48 -6.78 15.48
N GLU D 303 12.32 -6.91 14.44
CA GLU D 303 11.93 -7.16 13.03
C GLU D 303 10.75 -8.14 12.98
N ASP D 304 10.86 -9.28 13.68
CA ASP D 304 9.95 -10.45 13.62
C ASP D 304 8.62 -10.16 14.33
N GLY D 305 7.72 -11.15 14.34
CA GLY D 305 6.41 -11.14 15.02
C GLY D 305 6.46 -10.40 16.34
N SER D 306 7.25 -10.88 17.31
CA SER D 306 7.30 -10.32 18.69
C SER D 306 8.67 -10.52 19.38
N GLY D 307 8.95 -9.61 20.33
CA GLY D 307 9.94 -9.72 21.42
C GLY D 307 9.29 -9.41 22.76
N SER D 308 9.31 -8.13 23.22
CA SER D 308 8.67 -7.68 24.48
C SER D 308 8.77 -6.14 24.66
N ALA D 309 7.63 -5.48 24.90
CA ALA D 309 7.46 -4.00 24.90
C ALA D 309 8.23 -3.35 26.06
N TYR D 310 8.33 -4.07 27.17
CA TYR D 310 9.13 -3.64 28.35
C TYR D 310 10.43 -4.42 28.37
N ASP D 311 11.55 -3.71 28.50
CA ASP D 311 12.90 -4.32 28.45
C ASP D 311 13.84 -3.43 29.25
N LYS D 312 15.14 -3.75 29.22
CA LYS D 312 16.16 -3.28 30.16
C LYS D 312 16.39 -1.78 29.93
N GLU D 313 16.24 -1.30 28.68
CA GLU D 313 16.40 0.14 28.30
C GLU D 313 15.03 0.85 28.17
N SER D 314 13.93 0.25 28.65
CA SER D 314 12.58 0.89 28.65
C SER D 314 12.67 2.13 29.52
N MET D 315 12.59 3.31 28.89
CA MET D 315 12.55 4.62 29.58
C MET D 315 11.49 5.49 28.88
N ALA D 316 11.16 6.66 29.43
CA ALA D 316 10.29 7.68 28.78
C ALA D 316 10.37 9.00 29.54
N ILE D 317 10.18 10.14 28.86
CA ILE D 317 10.12 11.50 29.45
C ILE D 317 8.86 12.20 28.93
N ILE D 318 8.23 13.06 29.73
CA ILE D 318 7.00 13.81 29.35
C ILE D 318 7.04 15.19 30.00
N LYS D 319 7.00 16.25 29.18
CA LYS D 319 6.89 17.66 29.63
C LYS D 319 5.43 18.07 29.55
N LEU D 320 4.89 18.66 30.63
CA LEU D 320 3.54 19.26 30.70
C LEU D 320 3.66 20.78 30.53
N ASN D 321 2.55 21.51 30.69
CA ASN D 321 2.36 22.91 30.20
C ASN D 321 3.17 23.87 31.09
N ASN D 322 3.12 23.65 32.41
CA ASN D 322 3.62 24.60 33.44
C ASN D 322 4.96 24.12 34.01
N THR D 323 5.78 23.44 33.19
CA THR D 323 7.22 23.18 33.44
C THR D 323 7.44 21.90 34.26
N THR D 324 6.40 21.09 34.45
CA THR D 324 6.50 19.77 35.13
C THR D 324 7.12 18.76 34.14
N VAL D 325 7.84 17.75 34.65
CA VAL D 325 8.47 16.67 33.83
C VAL D 325 8.26 15.31 34.49
N LEU D 326 7.51 14.42 33.84
CA LEU D 326 7.38 13.00 34.29
C LEU D 326 8.53 12.22 33.65
N TYR D 327 9.01 11.17 34.32
CA TYR D 327 10.24 10.44 33.95
C TYR D 327 10.10 9.01 34.50
N LEU D 328 9.97 8.04 33.59
CA LEU D 328 9.90 6.59 33.90
C LEU D 328 11.25 5.96 33.53
N LYS D 329 11.77 5.04 34.36
CA LYS D 329 12.93 4.18 33.99
C LYS D 329 12.68 2.76 34.49
N GLU D 330 13.22 1.74 33.79
CA GLU D 330 13.08 0.32 34.17
C GLU D 330 13.98 0.06 35.40
N VAL D 331 13.60 -0.92 36.24
CA VAL D 331 14.34 -1.34 37.46
C VAL D 331 14.54 -2.87 37.41
N THR D 332 13.49 -3.66 37.63
CA THR D 332 13.47 -5.11 37.34
C THR D 332 12.61 -5.34 36.10
N LYS D 333 12.54 -6.59 35.64
CA LYS D 333 11.54 -7.06 34.64
C LYS D 333 10.13 -6.62 35.07
N PHE D 334 9.84 -6.58 36.38
CA PHE D 334 8.47 -6.37 36.95
C PHE D 334 8.26 -4.94 37.43
N LEU D 335 9.31 -4.16 37.64
CA LEU D 335 9.22 -2.87 38.37
C LEU D 335 9.86 -1.75 37.56
N ALA D 336 9.43 -0.53 37.84
CA ALA D 336 9.85 0.68 37.11
C ALA D 336 9.64 1.89 38.00
N LEU D 337 10.53 2.87 37.90
CA LEU D 337 10.46 4.11 38.71
C LEU D 337 9.84 5.21 37.86
N VAL D 338 8.90 5.95 38.43
CA VAL D 338 8.21 7.07 37.74
C VAL D 338 8.29 8.30 38.63
N CYS D 339 8.76 9.42 38.09
CA CYS D 339 9.10 10.60 38.90
C CYS D 339 8.51 11.87 38.29
N ILE D 340 7.77 12.64 39.09
CA ILE D 340 7.47 14.08 38.81
C ILE D 340 8.66 14.91 39.33
N LEU D 341 9.08 15.93 38.58
CA LEU D 341 10.06 16.97 38.99
C LEU D 341 9.90 18.22 38.11
N ARG D 342 10.77 19.23 38.26
CA ARG D 342 10.64 20.55 37.59
C ARG D 342 11.67 20.66 36.46
N GLU D 343 11.51 21.68 35.60
CA GLU D 343 12.29 21.84 34.34
C GLU D 343 13.77 21.93 34.68
N GLU D 344 14.17 22.96 35.43
CA GLU D 344 15.57 23.21 35.86
C GLU D 344 16.16 21.98 36.56
N SER D 345 15.39 21.33 37.46
CA SER D 345 15.81 20.14 38.26
C SER D 345 16.12 18.95 37.34
N PHE D 346 15.38 18.80 36.23
CA PHE D 346 15.57 17.75 35.20
C PHE D 346 16.82 18.08 34.36
N GLU D 347 17.03 19.37 34.09
CA GLU D 347 18.13 19.88 33.22
C GLU D 347 19.48 19.37 33.74
N ARG D 348 19.64 19.27 35.08
CA ARG D 348 20.83 18.65 35.69
C ARG D 348 20.78 17.13 35.43
N LYS D 349 20.88 16.74 34.14
CA LYS D 349 20.67 15.36 33.64
C LYS D 349 21.76 14.42 34.19
N GLY D 350 23.03 14.70 33.86
CA GLY D 350 24.21 13.88 34.21
C GLY D 350 24.10 13.31 35.61
N LEU D 351 23.97 14.21 36.61
CA LEU D 351 23.73 13.88 38.04
C LEU D 351 22.74 12.71 38.17
N ILE D 352 21.51 12.95 37.68
CA ILE D 352 20.26 12.14 37.93
C ILE D 352 20.47 10.70 37.44
N ASP D 353 21.19 10.52 36.31
CA ASP D 353 21.43 9.20 35.65
C ASP D 353 22.22 8.27 36.59
N TYR D 354 23.28 8.79 37.23
CA TYR D 354 24.16 8.05 38.17
C TYR D 354 23.35 7.67 39.43
N ASN D 355 22.82 8.68 40.12
CA ASN D 355 21.94 8.51 41.31
C ASN D 355 20.92 7.39 41.01
N PHE D 356 20.57 7.22 39.72
CA PHE D 356 19.61 6.17 39.28
C PHE D 356 20.29 4.79 39.25
N HIS D 357 21.50 4.63 38.69
CA HIS D 357 22.18 3.31 38.70
C HIS D 357 22.64 2.98 40.12
N CYS D 358 22.90 4.01 40.95
CA CYS D 358 22.93 3.87 42.43
C CYS D 358 21.66 3.12 42.85
N PHE D 359 20.51 3.72 42.53
CA PHE D 359 19.16 3.23 42.90
C PHE D 359 18.90 1.82 42.37
N ARG D 360 19.29 1.54 41.11
CA ARG D 360 19.01 0.23 40.42
C ARG D 360 19.99 -0.84 40.90
N LYS D 361 21.26 -0.44 41.13
CA LYS D 361 22.26 -1.24 41.87
C LYS D 361 22.07 -0.96 43.37
N ALA D 362 20.82 -0.73 43.79
CA ALA D 362 20.38 -0.71 45.21
C ALA D 362 19.18 -1.66 45.40
N ILE D 363 18.46 -2.00 44.32
CA ILE D 363 17.16 -2.74 44.40
C ILE D 363 17.39 -4.21 43.99
N HIS D 364 18.33 -4.48 43.08
CA HIS D 364 18.63 -5.87 42.59
C HIS D 364 19.12 -6.75 43.75
N GLU D 365 20.00 -6.20 44.57
CA GLU D 365 20.46 -6.80 45.86
C GLU D 365 19.26 -6.97 46.80
N VAL D 366 18.49 -5.91 47.03
CA VAL D 366 17.32 -5.85 47.98
C VAL D 366 16.32 -6.97 47.63
N PHE D 367 16.35 -7.50 46.41
CA PHE D 367 15.55 -8.68 46.00
C PHE D 367 16.50 -9.81 45.55
N GLU D 368 17.67 -9.91 46.20
CA GLU D 368 18.76 -10.88 45.90
C GLU D 368 18.36 -11.75 44.70
#